data_2V5W
#
_entry.id   2V5W
#
_cell.length_a   52.304
_cell.length_b   151.801
_cell.length_c   57.552
_cell.angle_alpha   90.00
_cell.angle_beta   117.02
_cell.angle_gamma   90.00
#
_symmetry.space_group_name_H-M   'P 1 21 1'
#
loop_
_entity.id
_entity.type
_entity.pdbx_description
1 polymer 'HISTONE DEACETYLASE 8'
2 polymer GLYCYL-GLYCYL-GLYCINE
3 polymer 'PEPTIDIC SUBSTRATE'
4 non-polymer 'POTASSIUM ION'
5 non-polymer 'ZINC ION'
6 water water
#
loop_
_entity_poly.entity_id
_entity_poly.type
_entity_poly.pdbx_seq_one_letter_code
_entity_poly.pdbx_strand_id
1 'polypeptide(L)'
;MEEPEEPADSGQSLVPVYIYSPEYVSMCDSLAKIPKRASMVHSLIEAYALHKQMRIVKPKVASMEEMATFHTDAYLQHLQ
KVSQEGDDDHPDSIEYGLGYDCPATEGIFDYAAAIGGATITAAQCLIDGMCKVAINWSGGWHHAKKDEASGFCYLNDAVL
GILRLRRKFERILYVDLDLHHGDGVEDAFSFTSKVMTVSLHKFSPGFFPGTGDVSDVGLGKGRYYSVNVPIQDGIQDEKY
YQICESVLKEVYQAFNPKAVVLQLGADTIAGDPMCSFNMTPVGIGKCLKYILQWQLATLILGGGGFNLANTARCWTYLTG
VILGKTLSSEIPDHEFFTAYGPDYVLEITPSCRPDRNEPHRIQQILNYIKGNLKHVVIEGRSHHHHHH
;
A,B
2 'polypeptide(L)' GGG G
3 'polypeptide(L)' (ACE)RH(ALY)(ALY)(MCM) I,L
#
loop_
_chem_comp.id
_chem_comp.type
_chem_comp.name
_chem_comp.formula
ACE non-polymer 'ACETYL GROUP' 'C2 H4 O'
K non-polymer 'POTASSIUM ION' 'K 1'
MCM non-polymer 7-AMINO-4-METHYL-CHROMEN-2-ONE 'C10 H9 N O2'
ZN non-polymer 'ZINC ION' 'Zn 2'
#
# COMPACT_ATOMS: atom_id res chain seq x y z
N VAL A 15 -34.46 15.88 0.43
CA VAL A 15 -33.83 14.71 -0.24
C VAL A 15 -32.36 15.04 -0.56
N PRO A 16 -31.42 14.12 -0.27
CA PRO A 16 -30.00 14.38 -0.56
C PRO A 16 -29.73 14.48 -2.06
N VAL A 17 -28.79 15.35 -2.42
CA VAL A 17 -28.23 15.38 -3.76
C VAL A 17 -27.14 14.28 -3.86
N TYR A 18 -27.20 13.50 -4.94
CA TYR A 18 -26.21 12.49 -5.28
C TYR A 18 -25.55 12.92 -6.57
N ILE A 19 -24.29 13.34 -6.48
CA ILE A 19 -23.51 13.71 -7.66
C ILE A 19 -23.14 12.44 -8.45
N TYR A 20 -23.69 12.35 -9.66
CA TYR A 20 -23.54 11.16 -10.48
C TYR A 20 -23.78 11.43 -11.96
N SER A 21 -22.90 10.87 -12.79
CA SER A 21 -23.24 10.55 -14.18
C SER A 21 -22.42 9.32 -14.60
N PRO A 22 -22.88 8.58 -15.61
CA PRO A 22 -22.14 7.42 -16.13
C PRO A 22 -20.74 7.80 -16.59
N GLU A 23 -20.62 8.95 -17.23
CA GLU A 23 -19.35 9.47 -17.75
C GLU A 23 -18.39 9.81 -16.58
N TYR A 24 -18.96 10.38 -15.53
CA TYR A 24 -18.18 10.75 -14.37
C TYR A 24 -17.61 9.49 -13.72
N VAL A 25 -18.46 8.52 -13.45
CA VAL A 25 -18.02 7.28 -12.82
C VAL A 25 -16.94 6.59 -13.64
N SER A 26 -17.07 6.63 -14.98
CA SER A 26 -16.13 5.97 -15.86
C SER A 26 -14.76 6.64 -15.79
N MET A 27 -14.78 7.97 -15.72
CA MET A 27 -13.58 8.79 -15.50
C MET A 27 -12.90 8.39 -14.17
N CYS A 28 -13.69 8.39 -13.09
CA CYS A 28 -13.20 8.06 -11.75
C CYS A 28 -12.72 6.58 -11.68
N ASP A 29 -13.26 5.70 -12.51
CA ASP A 29 -12.76 4.32 -12.54
C ASP A 29 -11.32 4.16 -13.01
N SER A 30 -10.78 5.16 -13.68
CA SER A 30 -9.48 5.08 -14.35
C SER A 30 -8.32 5.59 -13.50
N LEU A 31 -8.62 6.06 -12.29
CA LEU A 31 -7.58 6.44 -11.33
C LEU A 31 -6.74 5.18 -11.04
N ALA A 32 -5.41 5.34 -11.05
CA ALA A 32 -4.48 4.21 -11.06
C ALA A 32 -4.48 3.34 -9.78
N LYS A 33 -4.72 3.97 -8.64
CA LYS A 33 -4.60 3.29 -7.37
C LYS A 33 -5.93 2.77 -6.79
N ILE A 34 -7.05 3.03 -7.50
CA ILE A 34 -8.38 2.54 -7.15
C ILE A 34 -9.23 2.18 -8.38
N PRO A 35 -8.77 1.27 -9.25
CA PRO A 35 -9.51 0.98 -10.51
C PRO A 35 -10.87 0.37 -10.24
N LYS A 36 -11.88 0.78 -10.98
CA LYS A 36 -13.26 0.29 -10.86
C LYS A 36 -13.97 0.67 -9.57
N ARG A 37 -13.33 1.41 -8.66
CA ARG A 37 -13.94 1.62 -7.34
C ARG A 37 -15.21 2.44 -7.50
N ALA A 38 -15.18 3.44 -8.36
CA ALA A 38 -16.33 4.34 -8.50
C ALA A 38 -17.54 3.57 -9.01
N SER A 39 -17.28 2.62 -9.90
CA SER A 39 -18.35 1.79 -10.45
C SER A 39 -18.86 0.84 -9.38
N MET A 40 -17.99 0.33 -8.52
CA MET A 40 -18.41 -0.61 -7.49
C MET A 40 -19.31 0.09 -6.48
N VAL A 41 -18.91 1.31 -6.10
CA VAL A 41 -19.65 2.10 -5.13
C VAL A 41 -21.05 2.44 -5.65
N HIS A 42 -21.08 2.98 -6.87
CA HIS A 42 -22.33 3.43 -7.45
C HIS A 42 -23.29 2.25 -7.67
N SER A 43 -22.74 1.13 -8.11
CA SER A 43 -23.50 -0.08 -8.44
C SER A 43 -24.07 -0.72 -7.21
N LEU A 44 -23.38 -0.63 -6.08
CA LEU A 44 -23.92 -1.17 -4.83
C LEU A 44 -25.05 -0.28 -4.32
N ILE A 45 -24.84 1.03 -4.35
CA ILE A 45 -25.88 2.00 -3.95
C ILE A 45 -27.15 1.82 -4.80
N GLU A 46 -26.96 1.67 -6.09
CA GLU A 46 -28.03 1.36 -7.05
C GLU A 46 -28.68 0.02 -6.75
N ALA A 47 -27.86 -0.99 -6.44
CA ALA A 47 -28.38 -2.31 -6.10
C ALA A 47 -29.28 -2.28 -4.86
N TYR A 48 -29.03 -1.33 -3.94
CA TYR A 48 -29.89 -1.13 -2.78
C TYR A 48 -31.05 -0.17 -3.05
N ALA A 49 -31.23 0.26 -4.29
CA ALA A 49 -32.29 1.18 -4.72
C ALA A 49 -32.27 2.59 -4.05
N LEU A 50 -31.12 3.00 -3.52
CA LEU A 50 -31.00 4.26 -2.78
C LEU A 50 -31.03 5.49 -3.68
N HIS A 51 -30.64 5.34 -4.94
CA HIS A 51 -30.72 6.45 -5.91
C HIS A 51 -32.17 6.92 -6.15
N LYS A 52 -33.12 6.01 -5.95
CA LYS A 52 -34.55 6.35 -6.03
C LYS A 52 -35.00 7.26 -4.90
N GLN A 53 -34.19 7.38 -3.85
CA GLN A 53 -34.50 8.28 -2.75
C GLN A 53 -33.66 9.55 -2.74
N MET A 54 -32.87 9.78 -3.78
CA MET A 54 -32.03 10.95 -3.87
C MET A 54 -32.28 11.73 -5.16
N ARG A 55 -31.85 12.98 -5.16
CA ARG A 55 -31.83 13.82 -6.33
C ARG A 55 -30.50 13.71 -7.03
N ILE A 56 -30.51 13.10 -8.21
CA ILE A 56 -29.30 12.91 -9.01
C ILE A 56 -28.94 14.16 -9.75
N VAL A 57 -27.70 14.62 -9.59
CA VAL A 57 -27.22 15.85 -10.21
C VAL A 57 -25.96 15.51 -11.00
N LYS A 58 -26.01 15.76 -12.32
CA LYS A 58 -24.82 15.65 -13.16
C LYS A 58 -23.76 16.67 -12.73
N PRO A 59 -22.51 16.22 -12.58
CA PRO A 59 -21.43 17.14 -12.23
C PRO A 59 -20.99 17.98 -13.43
N LYS A 60 -20.79 19.27 -13.21
CA LYS A 60 -20.14 20.12 -14.19
C LYS A 60 -18.62 20.02 -14.04
N VAL A 61 -17.93 20.06 -15.16
CA VAL A 61 -16.47 19.99 -15.17
C VAL A 61 -15.95 21.33 -14.67
N ALA A 62 -14.88 21.32 -13.88
CA ALA A 62 -14.34 22.55 -13.34
C ALA A 62 -13.59 23.26 -14.46
N SER A 63 -13.87 24.55 -14.62
CA SER A 63 -13.07 25.41 -15.50
C SER A 63 -11.67 25.63 -14.91
N MET A 64 -10.74 26.00 -15.77
CA MET A 64 -9.40 26.40 -15.38
C MET A 64 -9.42 27.48 -14.30
N GLU A 65 -10.32 28.46 -14.44
CA GLU A 65 -10.49 29.53 -13.45
C GLU A 65 -10.91 29.06 -12.05
N GLU A 66 -11.83 28.10 -12.01
CA GLU A 66 -12.30 27.52 -10.76
C GLU A 66 -11.17 26.75 -10.07
N MET A 67 -10.39 26.01 -10.87
CA MET A 67 -9.24 25.27 -10.32
C MET A 67 -8.15 26.22 -9.84
N ALA A 68 -7.99 27.35 -10.53
CA ALA A 68 -6.96 28.34 -10.20
C ALA A 68 -7.27 29.23 -9.00
N THR A 69 -8.48 29.13 -8.43
CA THR A 69 -8.76 29.77 -7.14
C THR A 69 -7.97 29.14 -6.02
N PHE A 70 -7.52 27.89 -6.18
CA PHE A 70 -6.58 27.31 -5.23
C PHE A 70 -5.25 27.01 -5.86
N HIS A 71 -5.27 26.25 -6.95
CA HIS A 71 -4.04 25.76 -7.58
C HIS A 71 -3.33 26.82 -8.45
N THR A 72 -2.00 26.75 -8.54
CA THR A 72 -1.23 27.65 -9.40
C THR A 72 -1.44 27.29 -10.87
N ASP A 73 -1.44 28.31 -11.74
CA ASP A 73 -1.46 28.06 -13.20
C ASP A 73 -0.34 27.19 -13.65
N ALA A 74 0.84 27.38 -13.07
CA ALA A 74 2.01 26.62 -13.47
C ALA A 74 1.77 25.14 -13.23
N TYR A 75 1.23 24.82 -12.07
CA TYR A 75 0.94 23.43 -11.73
C TYR A 75 -0.14 22.86 -12.66
N LEU A 76 -1.24 23.59 -12.81
CA LEU A 76 -2.33 23.15 -13.67
C LEU A 76 -1.84 22.99 -15.12
N GLN A 77 -1.01 23.91 -15.59
CA GLN A 77 -0.49 23.84 -16.95
C GLN A 77 0.40 22.62 -17.13
N HIS A 78 1.22 22.32 -16.15
CA HIS A 78 2.04 21.13 -16.22
C HIS A 78 1.18 19.85 -16.17
N LEU A 79 0.23 19.79 -15.25
CA LEU A 79 -0.72 18.67 -15.18
C LEU A 79 -1.45 18.43 -16.50
N GLN A 80 -2.00 19.48 -17.09
CA GLN A 80 -2.66 19.38 -18.41
C GLN A 80 -1.73 18.92 -19.52
N LYS A 81 -0.46 19.36 -19.45
CA LYS A 81 0.58 18.99 -20.43
C LYS A 81 0.84 17.48 -20.42
N VAL A 82 1.13 16.92 -19.25
CA VAL A 82 1.55 15.52 -19.14
C VAL A 82 0.36 14.58 -19.34
N SER A 83 -0.81 15.12 -19.07
CA SER A 83 -2.06 14.42 -19.20
C SER A 83 -2.39 14.06 -20.65
N GLN A 84 -1.95 14.89 -21.61
CA GLN A 84 -2.36 14.74 -23.00
C GLN A 84 -2.10 13.33 -23.51
N GLU A 85 -0.89 12.83 -23.23
CA GLU A 85 -0.42 11.55 -23.69
C GLU A 85 0.04 10.64 -22.56
N GLY A 86 -0.11 11.09 -21.31
CA GLY A 86 0.38 10.34 -20.15
C GLY A 86 1.90 10.26 -20.09
N ASP A 87 2.57 11.40 -20.23
CA ASP A 87 4.02 11.47 -20.09
C ASP A 87 4.44 11.29 -18.62
N ASP A 88 4.78 10.06 -18.26
CA ASP A 88 5.24 9.75 -16.89
C ASP A 88 6.78 9.86 -16.68
N ASP A 89 7.47 10.57 -17.58
CA ASP A 89 8.93 10.70 -17.54
C ASP A 89 9.39 12.17 -17.67
N HIS A 90 8.50 13.11 -17.45
CA HIS A 90 8.82 14.52 -17.62
C HIS A 90 9.70 15.05 -16.46
N PRO A 91 10.84 15.71 -16.76
CA PRO A 91 11.80 16.12 -15.72
C PRO A 91 11.22 17.01 -14.63
N ASP A 92 10.30 17.91 -14.99
CA ASP A 92 9.60 18.76 -14.02
C ASP A 92 8.60 18.05 -13.09
N SER A 93 8.17 16.85 -13.46
CA SER A 93 7.11 16.18 -12.72
C SER A 93 7.44 15.96 -11.23
N ILE A 94 8.70 15.63 -10.92
CA ILE A 94 9.13 15.41 -9.54
C ILE A 94 8.77 16.59 -8.64
N GLU A 95 9.09 17.80 -9.09
CA GLU A 95 8.83 19.03 -8.35
C GLU A 95 7.32 19.36 -8.19
N TYR A 96 6.51 18.85 -9.10
CA TYR A 96 5.07 19.01 -9.04
C TYR A 96 4.38 17.81 -8.37
N GLY A 97 5.16 16.90 -7.79
CA GLY A 97 4.61 15.81 -6.98
C GLY A 97 4.13 14.57 -7.74
N LEU A 98 4.38 14.54 -9.04
CA LEU A 98 3.98 13.43 -9.88
C LEU A 98 5.09 12.38 -9.85
N GLY A 99 4.70 11.13 -9.80
CA GLY A 99 5.68 10.08 -9.61
C GLY A 99 5.00 8.80 -9.22
N TYR A 100 5.60 8.10 -8.27
CA TYR A 100 5.06 6.81 -7.85
C TYR A 100 3.63 6.90 -7.32
N ASP A 101 3.41 7.72 -6.30
CA ASP A 101 2.06 7.92 -5.73
C ASP A 101 1.09 8.52 -6.74
N CYS A 102 1.57 9.51 -7.49
CA CYS A 102 0.74 10.27 -8.40
C CYS A 102 1.24 10.20 -9.85
N PRO A 103 1.14 9.03 -10.49
CA PRO A 103 1.59 8.92 -11.87
C PRO A 103 0.82 9.84 -12.84
N ALA A 104 1.47 10.21 -13.92
CA ALA A 104 0.89 11.09 -14.92
C ALA A 104 0.22 10.18 -15.94
N THR A 105 -0.96 9.68 -15.60
CA THR A 105 -1.72 8.84 -16.55
C THR A 105 -2.44 9.73 -17.56
N GLU A 106 -2.45 9.29 -18.81
CA GLU A 106 -3.25 9.91 -19.87
C GLU A 106 -4.67 10.21 -19.41
N GLY A 107 -5.11 11.45 -19.63
CA GLY A 107 -6.40 11.92 -19.17
C GLY A 107 -6.49 12.39 -17.72
N ILE A 108 -5.41 12.38 -16.94
CA ILE A 108 -5.53 12.61 -15.51
C ILE A 108 -6.00 14.03 -15.23
N PHE A 109 -5.63 14.98 -16.09
CA PHE A 109 -6.09 16.34 -15.91
C PHE A 109 -7.62 16.40 -16.03
N ASP A 110 -8.16 15.71 -17.03
CA ASP A 110 -9.60 15.62 -17.24
C ASP A 110 -10.26 14.94 -16.07
N TYR A 111 -9.64 13.88 -15.55
CA TYR A 111 -10.22 13.15 -14.41
C TYR A 111 -10.25 14.04 -13.18
N ALA A 112 -9.20 14.84 -12.98
CA ALA A 112 -9.10 15.68 -11.79
C ALA A 112 -10.01 16.93 -11.90
N ALA A 113 -10.17 17.48 -13.10
CA ALA A 113 -11.13 18.59 -13.33
C ALA A 113 -12.58 18.14 -13.15
N ALA A 114 -12.87 16.89 -13.54
CA ALA A 114 -14.17 16.29 -13.33
C ALA A 114 -14.50 16.16 -11.85
N ILE A 115 -13.53 15.68 -11.07
CA ILE A 115 -13.78 15.51 -9.64
C ILE A 115 -13.88 16.87 -8.96
N GLY A 116 -13.01 17.80 -9.33
CA GLY A 116 -13.05 19.12 -8.75
C GLY A 116 -14.42 19.74 -9.01
N GLY A 117 -14.83 19.62 -10.26
CA GLY A 117 -16.13 20.07 -10.72
C GLY A 117 -17.31 19.43 -10.03
N ALA A 118 -17.21 18.15 -9.72
CA ALA A 118 -18.28 17.46 -9.00
C ALA A 118 -18.46 18.00 -7.57
N THR A 119 -17.34 18.22 -6.86
CA THR A 119 -17.39 18.79 -5.51
C THR A 119 -17.86 20.25 -5.47
N ILE A 120 -17.50 21.03 -6.48
CA ILE A 120 -18.01 22.38 -6.63
C ILE A 120 -19.52 22.34 -6.88
N THR A 121 -19.95 21.39 -7.71
CA THR A 121 -21.37 21.31 -8.05
C THR A 121 -22.18 21.02 -6.81
N ALA A 122 -21.73 20.02 -6.07
CA ALA A 122 -22.31 19.68 -4.78
C ALA A 122 -22.41 20.90 -3.88
N ALA A 123 -21.32 21.66 -3.79
CA ALA A 123 -21.31 22.86 -2.97
C ALA A 123 -22.36 23.89 -3.45
N GLN A 124 -22.47 24.05 -4.76
CA GLN A 124 -23.44 24.97 -5.38
C GLN A 124 -24.91 24.58 -5.11
N CYS A 125 -25.22 23.29 -5.15
CA CYS A 125 -26.52 22.76 -4.73
C CYS A 125 -26.84 23.18 -3.30
N LEU A 126 -25.82 23.11 -2.46
CA LEU A 126 -25.95 23.50 -1.07
C LEU A 126 -26.23 25.00 -0.98
N ILE A 127 -25.46 25.79 -1.72
CA ILE A 127 -25.59 27.25 -1.68
C ILE A 127 -26.99 27.67 -2.17
N ASP A 128 -27.49 26.95 -3.17
CA ASP A 128 -28.80 27.26 -3.76
C ASP A 128 -30.02 26.79 -2.99
N GLY A 129 -29.80 26.08 -1.87
CA GLY A 129 -30.89 25.55 -1.08
C GLY A 129 -31.62 24.38 -1.74
N MET A 130 -30.99 23.78 -2.74
CA MET A 130 -31.53 22.60 -3.38
C MET A 130 -31.64 21.41 -2.40
N CYS A 131 -30.68 21.32 -1.48
CA CYS A 131 -30.61 20.22 -0.54
C CYS A 131 -29.93 20.66 0.75
N LYS A 132 -30.02 19.85 1.80
CA LYS A 132 -29.18 20.05 3.00
C LYS A 132 -27.95 19.13 3.00
N VAL A 133 -27.98 18.12 2.14
CA VAL A 133 -26.91 17.12 2.03
C VAL A 133 -26.61 16.88 0.56
N ALA A 134 -25.34 17.00 0.18
CA ALA A 134 -24.89 16.75 -1.19
C ALA A 134 -23.70 15.83 -1.13
N ILE A 135 -23.68 14.82 -1.99
CA ILE A 135 -22.73 13.70 -1.86
C ILE A 135 -21.88 13.57 -3.09
N ASN A 136 -20.56 13.53 -2.91
CA ASN A 136 -19.63 13.18 -3.98
C ASN A 136 -18.66 12.14 -3.49
N TRP A 137 -19.08 10.88 -3.56
CA TRP A 137 -18.28 9.76 -3.07
C TRP A 137 -16.96 9.60 -3.81
N SER A 138 -16.86 10.15 -5.02
CA SER A 138 -15.58 10.10 -5.77
C SER A 138 -14.61 11.23 -5.46
N GLY A 139 -14.98 12.12 -4.57
CA GLY A 139 -14.12 13.23 -4.18
C GLY A 139 -13.41 12.94 -2.87
N GLY A 140 -12.91 14.02 -2.24
CA GLY A 140 -12.15 13.96 -1.00
C GLY A 140 -10.64 13.82 -1.13
N TRP A 141 -10.06 14.38 -2.18
CA TRP A 141 -8.62 14.21 -2.49
C TRP A 141 -7.84 15.29 -1.78
N HIS A 142 -7.78 15.06 -0.46
CA HIS A 142 -7.39 16.03 0.57
C HIS A 142 -5.92 16.36 0.74
N HIS A 143 -5.00 15.62 0.08
CA HIS A 143 -3.55 15.84 0.20
C HIS A 143 -3.00 16.83 -0.83
N ALA A 144 -3.70 17.12 -1.91
CA ALA A 144 -3.13 17.98 -2.94
C ALA A 144 -2.87 19.40 -2.44
N LYS A 145 -1.70 19.92 -2.81
CA LYS A 145 -1.28 21.27 -2.47
C LYS A 145 -1.51 22.20 -3.63
N LYS A 146 -1.36 23.50 -3.41
CA LYS A 146 -1.64 24.47 -4.46
C LYS A 146 -0.82 24.19 -5.69
N ASP A 147 0.40 23.71 -5.51
CA ASP A 147 1.32 23.55 -6.65
C ASP A 147 1.94 22.16 -6.71
N GLU A 148 1.25 21.17 -6.13
CA GLU A 148 1.80 19.83 -5.96
C GLU A 148 0.73 18.76 -5.79
N ALA A 149 0.80 17.73 -6.62
CA ALA A 149 0.05 16.51 -6.36
C ALA A 149 0.69 15.76 -5.18
N SER A 150 -0.11 15.01 -4.43
CA SER A 150 0.39 14.30 -3.24
C SER A 150 -0.62 13.24 -2.90
N GLY A 151 -0.14 12.05 -2.58
CA GLY A 151 -0.96 11.07 -1.90
C GLY A 151 -2.16 10.61 -2.70
N PHE A 152 -1.95 10.39 -3.99
CA PHE A 152 -2.98 9.95 -4.93
C PHE A 152 -3.94 11.09 -5.34
N CYS A 153 -3.68 12.30 -4.86
CA CYS A 153 -4.52 13.47 -5.09
C CYS A 153 -3.81 14.42 -6.06
N TYR A 154 -4.51 14.78 -7.13
CA TYR A 154 -3.96 15.67 -8.16
C TYR A 154 -4.54 17.06 -8.04
N LEU A 155 -5.77 17.16 -7.55
CA LEU A 155 -6.44 18.42 -7.35
C LEU A 155 -7.24 18.35 -6.07
N ASN A 156 -7.20 19.40 -5.25
CA ASN A 156 -7.90 19.44 -3.99
C ASN A 156 -9.35 19.93 -4.08
N ASP A 157 -10.21 18.98 -4.43
CA ASP A 157 -11.62 19.27 -4.64
C ASP A 157 -12.27 19.70 -3.32
N ALA A 158 -11.78 19.17 -2.20
CA ALA A 158 -12.31 19.61 -0.91
C ALA A 158 -12.11 21.10 -0.69
N VAL A 159 -10.89 21.58 -0.94
CA VAL A 159 -10.58 23.01 -0.86
C VAL A 159 -11.51 23.79 -1.79
N LEU A 160 -11.67 23.29 -3.02
CA LEU A 160 -12.50 23.96 -4.03
C LEU A 160 -13.95 24.00 -3.59
N GLY A 161 -14.44 22.91 -2.99
CA GLY A 161 -15.78 22.90 -2.43
C GLY A 161 -15.96 23.84 -1.24
N ILE A 162 -14.96 23.92 -0.37
CA ILE A 162 -14.99 24.83 0.77
C ILE A 162 -15.03 26.30 0.33
N LEU A 163 -14.25 26.66 -0.70
CA LEU A 163 -14.16 28.04 -1.20
C LEU A 163 -15.49 28.42 -1.82
N ARG A 164 -16.12 27.48 -2.53
CA ARG A 164 -17.44 27.69 -3.12
C ARG A 164 -18.51 27.95 -2.06
N LEU A 165 -18.47 27.16 -0.97
CA LEU A 165 -19.42 27.33 0.12
C LEU A 165 -19.21 28.69 0.80
N ARG A 166 -17.98 29.18 0.78
CA ARG A 166 -17.66 30.46 1.43
C ARG A 166 -18.31 31.69 0.79
N ARG A 167 -18.86 31.51 -0.41
CA ARG A 167 -19.67 32.55 -1.08
C ARG A 167 -20.95 32.91 -0.30
N LYS A 168 -21.52 31.92 0.36
CA LYS A 168 -22.77 32.03 1.11
C LYS A 168 -22.61 31.84 2.63
N PHE A 169 -21.81 30.87 3.05
CA PHE A 169 -21.73 30.49 4.45
C PHE A 169 -20.51 31.12 5.11
N GLU A 170 -20.72 31.68 6.28
CA GLU A 170 -19.73 32.54 6.94
C GLU A 170 -18.55 31.75 7.52
N ARG A 171 -18.83 30.60 8.12
CA ARG A 171 -17.86 29.74 8.75
C ARG A 171 -18.07 28.30 8.25
N ILE A 172 -16.99 27.69 7.76
CA ILE A 172 -17.04 26.31 7.27
C ILE A 172 -16.24 25.45 8.22
N LEU A 173 -16.82 24.35 8.68
CA LEU A 173 -16.09 23.28 9.36
C LEU A 173 -15.74 22.16 8.38
N TYR A 174 -14.47 21.79 8.33
CA TYR A 174 -14.05 20.60 7.55
C TYR A 174 -13.66 19.51 8.54
N VAL A 175 -14.29 18.35 8.44
CA VAL A 175 -14.02 17.20 9.28
C VAL A 175 -13.53 16.08 8.38
N ASP A 176 -12.38 15.54 8.72
CA ASP A 176 -11.66 14.61 7.88
C ASP A 176 -11.44 13.30 8.65
N LEU A 177 -12.17 12.25 8.29
CA LEU A 177 -12.15 10.94 9.00
C LEU A 177 -11.37 9.84 8.23
N ASP A 178 -10.77 10.23 7.13
CA ASP A 178 -9.81 9.43 6.40
C ASP A 178 -8.72 8.95 7.37
N LEU A 179 -8.14 7.78 7.13
CA LEU A 179 -6.95 7.32 7.89
C LEU A 179 -5.77 8.34 7.98
N HIS A 180 -5.55 9.05 6.87
CA HIS A 180 -4.43 9.97 6.71
C HIS A 180 -4.78 11.39 7.05
N HIS A 181 -3.80 12.16 7.53
CA HIS A 181 -3.98 13.54 7.91
C HIS A 181 -4.38 14.33 6.64
N GLY A 182 -5.46 15.10 6.74
CA GLY A 182 -5.90 15.97 5.66
C GLY A 182 -5.03 17.23 5.56
N ASP A 183 -3.79 17.04 5.15
CA ASP A 183 -2.80 18.12 5.20
C ASP A 183 -3.04 19.21 4.16
N GLY A 184 -3.52 18.85 2.97
CA GLY A 184 -3.71 19.81 1.91
C GLY A 184 -4.77 20.84 2.28
N VAL A 185 -5.86 20.36 2.83
CA VAL A 185 -6.96 21.20 3.28
C VAL A 185 -6.53 22.05 4.51
N GLU A 186 -5.87 21.44 5.48
CA GLU A 186 -5.37 22.20 6.62
C GLU A 186 -4.46 23.33 6.15
N ASP A 187 -3.48 23.02 5.30
CA ASP A 187 -2.51 24.02 4.86
C ASP A 187 -3.15 25.15 4.05
N ALA A 188 -4.11 24.81 3.19
CA ALA A 188 -4.85 25.80 2.40
C ALA A 188 -5.50 26.86 3.29
N PHE A 189 -6.01 26.43 4.44
CA PHE A 189 -6.73 27.31 5.35
C PHE A 189 -6.01 27.60 6.66
N SER A 190 -4.70 27.31 6.76
CA SER A 190 -4.06 27.34 8.08
C SER A 190 -4.00 28.76 8.66
N PHE A 191 -3.97 29.77 7.78
CA PHE A 191 -3.90 31.18 8.16
C PHE A 191 -5.23 31.91 8.35
N THR A 192 -6.36 31.22 8.21
CA THR A 192 -7.68 31.86 8.37
C THR A 192 -8.51 31.24 9.49
N SER A 193 -9.37 32.06 10.06
CA SER A 193 -10.28 31.71 11.12
C SER A 193 -11.69 31.44 10.58
N LYS A 194 -11.85 31.54 9.28
CA LYS A 194 -13.16 31.36 8.61
C LYS A 194 -13.43 29.93 8.25
N VAL A 195 -12.36 29.12 8.23
CA VAL A 195 -12.47 27.70 7.96
C VAL A 195 -11.77 26.99 9.11
N MET A 196 -12.48 26.15 9.85
CA MET A 196 -11.84 25.30 10.84
C MET A 196 -11.68 23.90 10.29
N THR A 197 -10.46 23.38 10.30
CA THR A 197 -10.21 21.99 9.89
C THR A 197 -10.02 21.06 11.10
N VAL A 198 -10.64 19.88 11.05
CA VAL A 198 -10.53 18.87 12.09
C VAL A 198 -10.21 17.51 11.44
N SER A 199 -9.07 16.93 11.77
CA SER A 199 -8.68 15.68 11.16
C SER A 199 -8.35 14.67 12.26
N LEU A 200 -8.97 13.49 12.18
CA LEU A 200 -8.62 12.32 12.98
C LEU A 200 -7.83 11.40 12.07
N HIS A 201 -6.67 10.91 12.51
CA HIS A 201 -5.77 10.14 11.64
C HIS A 201 -4.70 9.43 12.40
N LYS A 202 -4.11 8.43 11.75
CA LYS A 202 -2.92 7.77 12.25
C LYS A 202 -1.75 8.74 12.14
N PHE A 203 -1.00 8.84 13.22
CA PHE A 203 0.17 9.70 13.27
C PHE A 203 1.24 8.84 13.93
N SER A 204 2.24 8.46 13.16
CA SER A 204 3.35 7.63 13.63
C SER A 204 4.49 7.95 12.67
N PRO A 205 5.69 8.27 13.15
CA PRO A 205 6.78 8.62 12.23
C PRO A 205 6.99 7.56 11.15
N GLY A 206 7.08 7.98 9.90
CA GLY A 206 7.13 7.10 8.74
C GLY A 206 5.79 6.88 8.05
N PHE A 207 4.70 7.28 8.68
CA PHE A 207 3.38 7.08 8.12
C PHE A 207 2.86 8.33 7.41
N PHE A 208 2.43 8.18 6.16
CA PHE A 208 2.06 9.29 5.29
C PHE A 208 0.93 10.12 5.90
N PRO A 209 0.98 11.46 5.77
CA PRO A 209 2.11 12.23 5.21
C PRO A 209 3.11 12.79 6.23
N GLY A 210 2.97 12.37 7.48
CA GLY A 210 3.97 12.66 8.49
C GLY A 210 3.71 13.91 9.30
N THR A 211 2.55 14.54 9.10
CA THR A 211 2.18 15.80 9.76
C THR A 211 0.90 15.58 10.54
N GLY A 212 0.45 16.62 11.25
CA GLY A 212 -0.82 16.54 11.98
C GLY A 212 -0.76 15.98 13.41
N ASP A 213 0.26 16.36 14.16
CA ASP A 213 0.35 16.06 15.60
C ASP A 213 -0.62 16.99 16.33
N VAL A 214 -0.95 16.70 17.57
CA VAL A 214 -1.93 17.52 18.31
C VAL A 214 -1.46 18.96 18.52
N SER A 215 -0.14 19.16 18.51
CA SER A 215 0.46 20.50 18.57
C SER A 215 0.30 21.36 17.31
N ASP A 216 -0.14 20.79 16.21
CA ASP A 216 -0.37 21.55 14.97
C ASP A 216 -1.76 22.16 15.03
N VAL A 217 -1.83 23.47 15.21
CA VAL A 217 -3.09 24.19 15.42
C VAL A 217 -3.32 25.32 14.42
N GLY A 218 -2.47 25.43 13.41
CA GLY A 218 -2.58 26.49 12.40
C GLY A 218 -1.66 27.64 12.75
N LEU A 219 -1.63 28.66 11.89
CA LEU A 219 -0.69 29.79 11.98
C LEU A 219 -1.38 31.15 11.87
N GLY A 220 -0.77 32.14 12.52
CA GLY A 220 -1.25 33.51 12.61
C GLY A 220 -2.68 33.71 13.10
N LYS A 221 -3.48 34.36 12.26
CA LYS A 221 -4.89 34.57 12.53
C LYS A 221 -5.63 33.24 12.59
N GLY A 222 -5.09 32.19 11.96
CA GLY A 222 -5.70 30.88 12.02
C GLY A 222 -5.22 30.00 13.16
N ARG A 223 -4.38 30.54 14.05
CA ARG A 223 -3.96 29.84 15.25
C ARG A 223 -5.17 29.32 16.03
N TYR A 224 -5.15 28.04 16.34
CA TYR A 224 -6.25 27.29 17.00
C TYR A 224 -7.42 26.89 16.10
N TYR A 225 -7.35 27.20 14.80
CA TYR A 225 -8.43 26.87 13.87
C TYR A 225 -8.06 25.66 12.99
N SER A 226 -7.02 24.96 13.42
CA SER A 226 -6.72 23.63 12.94
C SER A 226 -6.70 22.73 14.14
N VAL A 227 -7.42 21.62 14.08
CA VAL A 227 -7.47 20.62 15.16
C VAL A 227 -6.97 19.29 14.57
N ASN A 228 -5.98 18.73 15.24
CA ASN A 228 -5.42 17.45 14.84
C ASN A 228 -5.52 16.41 15.95
N VAL A 229 -6.05 15.23 15.60
CA VAL A 229 -6.23 14.15 16.54
C VAL A 229 -5.42 12.93 16.10
N PRO A 230 -4.18 12.83 16.60
CA PRO A 230 -3.28 11.72 16.27
C PRO A 230 -3.71 10.46 17.01
N ILE A 231 -3.91 9.39 16.25
CA ILE A 231 -4.43 8.13 16.75
C ILE A 231 -3.45 7.04 16.34
N GLN A 232 -3.36 5.99 17.15
CA GLN A 232 -2.49 4.86 16.85
C GLN A 232 -3.26 3.70 16.22
N ASP A 233 -2.52 2.70 15.74
CA ASP A 233 -3.12 1.51 15.11
C ASP A 233 -4.14 0.79 16.01
N GLY A 234 -5.19 0.27 15.39
CA GLY A 234 -6.01 -0.76 16.01
C GLY A 234 -7.27 -0.22 16.67
N ILE A 235 -7.57 1.04 16.44
CA ILE A 235 -8.73 1.66 17.06
C ILE A 235 -10.02 1.07 16.49
N GLN A 236 -11.01 0.88 17.35
CA GLN A 236 -12.30 0.30 16.99
C GLN A 236 -13.41 1.29 17.23
N ASP A 237 -14.60 0.95 16.75
CA ASP A 237 -15.76 1.86 16.69
C ASP A 237 -16.03 2.65 17.96
N GLU A 238 -16.05 1.97 19.09
CA GLU A 238 -16.52 2.59 20.32
C GLU A 238 -15.62 3.72 20.78
N LYS A 239 -14.32 3.45 20.87
CA LYS A 239 -13.34 4.46 21.27
C LYS A 239 -13.22 5.58 20.24
N TYR A 240 -13.26 5.23 18.96
CA TYR A 240 -13.18 6.24 17.90
C TYR A 240 -14.35 7.22 18.03
N TYR A 241 -15.56 6.69 18.25
CA TYR A 241 -16.71 7.57 18.38
C TYR A 241 -16.61 8.46 19.64
N GLN A 242 -16.10 7.88 20.74
CA GLN A 242 -15.96 8.63 21.98
C GLN A 242 -15.05 9.85 21.71
N ILE A 243 -13.90 9.59 21.09
CA ILE A 243 -12.98 10.62 20.66
C ILE A 243 -13.61 11.65 19.73
N CYS A 244 -14.29 11.19 18.68
CA CYS A 244 -14.85 12.07 17.66
C CYS A 244 -15.95 12.96 18.25
N GLU A 245 -16.84 12.38 19.03
CA GLU A 245 -17.94 13.13 19.62
C GLU A 245 -17.43 14.17 20.61
N SER A 246 -16.39 13.81 21.36
CA SER A 246 -15.82 14.69 22.35
C SER A 246 -15.25 15.94 21.69
N VAL A 247 -14.48 15.74 20.62
CA VAL A 247 -13.85 16.82 19.89
C VAL A 247 -14.91 17.65 19.15
N LEU A 248 -15.78 16.98 18.41
CA LEU A 248 -16.83 17.67 17.65
C LEU A 248 -17.81 18.47 18.53
N LYS A 249 -18.11 17.96 19.71
CA LYS A 249 -18.96 18.68 20.65
C LYS A 249 -18.33 20.04 20.97
N GLU A 250 -17.05 20.01 21.29
CA GLU A 250 -16.30 21.22 21.66
C GLU A 250 -16.11 22.18 20.49
N VAL A 251 -15.79 21.62 19.33
CA VAL A 251 -15.60 22.38 18.12
C VAL A 251 -16.89 23.11 17.76
N TYR A 252 -18.01 22.40 17.86
CA TYR A 252 -19.29 22.95 17.46
C TYR A 252 -19.68 24.14 18.37
N GLN A 253 -19.50 24.00 19.69
CA GLN A 253 -19.77 25.09 20.63
C GLN A 253 -18.85 26.26 20.39
N ALA A 254 -17.56 25.98 20.20
CA ALA A 254 -16.56 27.04 20.04
C ALA A 254 -16.68 27.83 18.72
N PHE A 255 -16.90 27.13 17.60
CA PHE A 255 -16.72 27.67 16.25
C PHE A 255 -18.03 28.10 15.61
N ASN A 256 -19.13 27.45 15.97
CA ASN A 256 -20.46 27.79 15.44
C ASN A 256 -20.48 27.75 13.91
N PRO A 257 -20.17 26.60 13.32
CA PRO A 257 -20.12 26.49 11.86
C PRO A 257 -21.48 26.79 11.21
N LYS A 258 -21.48 27.40 10.04
CA LYS A 258 -22.68 27.54 9.22
C LYS A 258 -22.83 26.50 8.11
N ALA A 259 -21.72 25.85 7.74
CA ALA A 259 -21.73 24.71 6.81
C ALA A 259 -20.63 23.70 7.18
N VAL A 260 -20.79 22.45 6.74
CA VAL A 260 -19.83 21.36 7.00
C VAL A 260 -19.42 20.65 5.70
N VAL A 261 -18.13 20.38 5.58
CA VAL A 261 -17.61 19.50 4.58
C VAL A 261 -16.99 18.32 5.32
N LEU A 262 -17.40 17.11 4.95
CA LEU A 262 -17.07 15.90 5.68
C LEU A 262 -16.42 14.86 4.73
N GLN A 263 -15.16 14.54 4.99
CA GLN A 263 -14.38 13.59 4.21
C GLN A 263 -14.40 12.25 4.97
N LEU A 264 -14.85 11.22 4.29
CA LEU A 264 -15.14 9.93 4.85
C LEU A 264 -14.35 8.80 4.19
N GLY A 265 -13.05 8.99 3.99
CA GLY A 265 -12.19 7.95 3.47
C GLY A 265 -12.34 6.66 4.27
N ALA A 266 -12.55 5.57 3.53
CA ALA A 266 -12.78 4.24 4.07
C ALA A 266 -11.53 3.40 4.30
N ASP A 267 -10.35 4.04 4.21
CA ASP A 267 -9.10 3.34 4.55
C ASP A 267 -8.86 3.11 6.06
N THR A 268 -9.83 3.49 6.88
CA THR A 268 -9.88 3.16 8.30
C THR A 268 -10.53 1.79 8.61
N ILE A 269 -11.18 1.20 7.62
CA ILE A 269 -12.08 0.09 7.82
C ILE A 269 -11.28 -1.22 7.81
N ALA A 270 -11.58 -2.07 8.78
CA ALA A 270 -11.01 -3.42 8.88
C ALA A 270 -11.01 -4.07 7.52
N GLY A 271 -9.93 -4.76 7.16
CA GLY A 271 -9.88 -5.41 5.87
C GLY A 271 -9.14 -4.57 4.85
N ASP A 272 -8.90 -3.29 5.17
CA ASP A 272 -8.09 -2.46 4.30
C ASP A 272 -6.67 -2.98 4.29
N PRO A 273 -6.06 -3.10 3.10
CA PRO A 273 -4.68 -3.59 3.03
C PRO A 273 -3.73 -2.74 3.87
N MET A 274 -4.03 -1.49 4.07
CA MET A 274 -3.19 -0.64 4.91
C MET A 274 -3.16 -1.09 6.39
N CYS A 275 -4.23 -1.73 6.83
CA CYS A 275 -4.27 -2.52 8.07
C CYS A 275 -3.72 -1.75 9.25
N SER A 276 -4.39 -0.65 9.55
CA SER A 276 -3.96 0.31 10.58
C SER A 276 -5.08 0.45 11.58
N PHE A 277 -6.10 1.23 11.25
CA PHE A 277 -7.28 1.31 12.10
C PHE A 277 -8.11 0.00 11.93
N ASN A 278 -9.15 -0.14 12.72
CA ASN A 278 -9.90 -1.38 12.78
C ASN A 278 -11.36 -1.07 12.94
N MET A 279 -11.79 -0.09 12.16
CA MET A 279 -13.14 0.43 12.21
C MET A 279 -14.12 -0.38 11.37
N THR A 280 -15.41 -0.17 11.63
CA THR A 280 -16.50 -0.62 10.72
C THR A 280 -17.32 0.55 10.27
N PRO A 281 -18.11 0.40 9.23
CA PRO A 281 -18.98 1.48 8.80
C PRO A 281 -19.95 1.98 9.87
N VAL A 282 -20.33 1.15 10.84
CA VAL A 282 -21.28 1.57 11.87
C VAL A 282 -20.67 2.63 12.80
N GLY A 283 -19.38 2.50 13.12
CA GLY A 283 -18.71 3.47 13.95
C GLY A 283 -18.56 4.81 13.23
N ILE A 284 -18.18 4.75 11.96
CA ILE A 284 -18.08 5.98 11.18
C ILE A 284 -19.46 6.64 11.01
N GLY A 285 -20.48 5.80 10.84
CA GLY A 285 -21.86 6.25 10.74
C GLY A 285 -22.38 6.97 11.98
N LYS A 286 -21.87 6.62 13.15
CA LYS A 286 -22.23 7.34 14.37
C LYS A 286 -21.65 8.76 14.39
N CYS A 287 -20.42 8.90 13.90
CA CYS A 287 -19.81 10.21 13.69
C CYS A 287 -20.64 11.04 12.71
N LEU A 288 -21.03 10.40 11.60
CA LEU A 288 -21.82 11.03 10.54
C LEU A 288 -23.15 11.52 11.09
N LYS A 289 -23.83 10.65 11.83
CA LYS A 289 -25.11 10.94 12.47
C LYS A 289 -25.02 12.15 13.40
N TYR A 290 -23.94 12.25 14.17
CA TYR A 290 -23.70 13.35 15.08
C TYR A 290 -23.59 14.68 14.32
N ILE A 291 -22.89 14.67 13.19
CA ILE A 291 -22.76 15.86 12.34
C ILE A 291 -24.09 16.20 11.67
N LEU A 292 -24.82 15.21 11.21
CA LEU A 292 -26.10 15.47 10.52
C LEU A 292 -27.17 16.09 11.41
N GLN A 293 -27.16 15.77 12.70
CA GLN A 293 -28.15 16.38 13.62
C GLN A 293 -27.93 17.88 13.92
N TRP A 294 -26.77 18.41 13.57
CA TRP A 294 -26.59 19.84 13.53
C TRP A 294 -27.52 20.51 12.52
N GLN A 295 -27.97 19.75 11.53
CA GLN A 295 -28.88 20.24 10.49
C GLN A 295 -28.29 21.45 9.75
N LEU A 296 -26.99 21.40 9.49
CA LEU A 296 -26.32 22.38 8.64
C LEU A 296 -26.14 21.83 7.22
N ALA A 297 -26.00 22.73 6.26
CA ALA A 297 -25.60 22.37 4.91
C ALA A 297 -24.33 21.50 4.98
N THR A 298 -24.40 20.27 4.46
CA THR A 298 -23.33 19.27 4.63
C THR A 298 -22.93 18.65 3.30
N LEU A 299 -21.65 18.78 2.97
CA LEU A 299 -21.05 18.30 1.74
C LEU A 299 -20.26 17.02 2.09
N ILE A 300 -20.66 15.89 1.52
CA ILE A 300 -20.11 14.56 1.83
C ILE A 300 -19.15 14.09 0.72
N LEU A 301 -17.95 13.76 1.15
CA LEU A 301 -16.91 13.27 0.27
C LEU A 301 -16.40 11.91 0.69
N GLY A 302 -15.86 11.16 -0.26
CA GLY A 302 -15.15 9.95 0.03
C GLY A 302 -13.68 10.22 0.31
N GLY A 303 -12.81 9.43 -0.29
CA GLY A 303 -11.37 9.58 -0.12
C GLY A 303 -10.66 8.27 -0.35
N GLY A 304 -9.75 7.93 0.55
CA GLY A 304 -9.12 6.63 0.57
C GLY A 304 -10.05 5.43 0.74
N GLY A 305 -9.50 4.25 0.55
CA GLY A 305 -10.26 3.00 0.61
C GLY A 305 -9.71 2.06 -0.45
N PHE A 306 -8.89 1.11 0.00
CA PHE A 306 -8.09 0.22 -0.87
C PHE A 306 -8.52 -1.24 -0.77
N ASN A 307 -9.54 -1.54 0.03
CA ASN A 307 -10.29 -2.78 -0.13
C ASN A 307 -11.55 -2.30 -0.85
N LEU A 308 -11.63 -2.55 -2.15
CA LEU A 308 -12.65 -1.90 -2.98
C LEU A 308 -14.07 -2.24 -2.57
N ALA A 309 -14.31 -3.52 -2.26
CA ALA A 309 -15.65 -3.99 -1.90
C ALA A 309 -16.09 -3.42 -0.55
N ASN A 310 -15.18 -3.40 0.40
CA ASN A 310 -15.43 -2.83 1.70
C ASN A 310 -15.68 -1.32 1.62
N THR A 311 -14.98 -0.63 0.71
CA THR A 311 -15.21 0.80 0.53
C THR A 311 -16.66 1.05 0.06
N ALA A 312 -17.08 0.25 -0.92
CA ALA A 312 -18.45 0.26 -1.41
C ALA A 312 -19.44 -0.11 -0.28
N ARG A 313 -19.11 -1.13 0.53
CA ARG A 313 -19.95 -1.49 1.68
C ARG A 313 -20.08 -0.31 2.63
N CYS A 314 -18.95 0.30 2.96
CA CYS A 314 -18.96 1.49 3.84
C CYS A 314 -19.82 2.66 3.31
N TRP A 315 -19.63 3.07 2.07
CA TRP A 315 -20.24 4.31 1.58
C TRP A 315 -21.71 4.06 1.24
N THR A 316 -22.06 2.81 0.96
CA THR A 316 -23.44 2.41 0.75
C THR A 316 -24.18 2.47 2.09
N TYR A 317 -23.60 1.87 3.11
CA TYR A 317 -24.19 1.92 4.45
C TYR A 317 -24.40 3.40 4.91
N LEU A 318 -23.37 4.22 4.69
CA LEU A 318 -23.41 5.64 5.08
C LEU A 318 -24.44 6.44 4.29
N THR A 319 -24.62 6.10 3.02
CA THR A 319 -25.69 6.70 2.23
C THR A 319 -27.04 6.36 2.88
N GLY A 320 -27.20 5.09 3.23
CA GLY A 320 -28.28 4.63 4.07
C GLY A 320 -28.53 5.42 5.33
N VAL A 321 -27.50 5.73 6.12
CA VAL A 321 -27.73 6.54 7.34
C VAL A 321 -28.12 7.99 7.02
N ILE A 322 -27.57 8.56 5.94
CA ILE A 322 -27.99 9.87 5.45
C ILE A 322 -29.47 9.85 5.13
N LEU A 323 -29.96 8.73 4.61
CA LEU A 323 -31.37 8.56 4.23
C LEU A 323 -32.30 8.11 5.39
N GLY A 324 -31.72 7.80 6.55
CA GLY A 324 -32.46 7.25 7.65
C GLY A 324 -32.99 5.86 7.43
N LYS A 325 -32.42 5.08 6.51
CA LYS A 325 -32.84 3.68 6.26
C LYS A 325 -31.87 2.67 6.87
N THR A 326 -32.39 1.53 7.30
CA THR A 326 -31.50 0.40 7.52
C THR A 326 -31.66 -0.53 6.33
N LEU A 327 -30.50 -0.97 5.84
CA LEU A 327 -30.39 -1.73 4.61
C LEU A 327 -30.34 -3.22 4.94
N SER A 328 -30.74 -4.03 3.97
CA SER A 328 -30.68 -5.49 4.16
C SER A 328 -29.20 -5.86 4.36
N SER A 329 -28.94 -6.79 5.28
CA SER A 329 -27.62 -7.35 5.51
C SER A 329 -27.11 -8.16 4.31
N GLU A 330 -28.02 -8.73 3.51
CA GLU A 330 -27.64 -9.45 2.31
C GLU A 330 -27.26 -8.50 1.18
N ILE A 331 -26.07 -8.65 0.64
CA ILE A 331 -25.63 -7.88 -0.52
C ILE A 331 -26.52 -8.31 -1.71
N PRO A 332 -27.25 -7.39 -2.34
CA PRO A 332 -28.06 -7.76 -3.51
C PRO A 332 -27.26 -8.21 -4.73
N ASP A 333 -27.84 -9.10 -5.54
CA ASP A 333 -27.22 -9.42 -6.82
C ASP A 333 -27.04 -8.16 -7.65
N HIS A 334 -25.86 -8.03 -8.24
CA HIS A 334 -25.55 -6.90 -9.10
C HIS A 334 -24.25 -7.22 -9.85
N GLU A 335 -23.81 -6.27 -10.68
CA GLU A 335 -22.61 -6.39 -11.52
C GLU A 335 -21.37 -6.91 -10.78
N PHE A 336 -21.12 -6.43 -9.55
CA PHE A 336 -19.89 -6.82 -8.85
C PHE A 336 -20.13 -7.80 -7.66
N PHE A 337 -21.21 -8.56 -7.74
CA PHE A 337 -21.63 -9.43 -6.64
C PHE A 337 -20.50 -10.32 -6.16
N THR A 338 -19.71 -10.85 -7.09
CA THR A 338 -18.69 -11.84 -6.76
C THR A 338 -17.56 -11.23 -5.90
N ALA A 339 -17.34 -9.91 -5.99
CA ALA A 339 -16.33 -9.23 -5.19
C ALA A 339 -16.62 -9.25 -3.67
N TYR A 340 -17.87 -9.57 -3.33
CA TYR A 340 -18.38 -9.53 -1.97
C TYR A 340 -18.30 -10.85 -1.22
N GLY A 341 -17.79 -11.90 -1.86
CA GLY A 341 -17.61 -13.19 -1.21
C GLY A 341 -16.48 -13.08 -0.18
N PRO A 342 -16.33 -14.08 0.70
CA PRO A 342 -17.13 -15.30 0.72
C PRO A 342 -18.45 -15.20 1.52
N ASP A 343 -18.64 -14.07 2.19
CA ASP A 343 -19.78 -13.86 3.08
C ASP A 343 -21.01 -13.21 2.38
N TYR A 344 -20.77 -12.31 1.44
CA TYR A 344 -21.87 -11.59 0.73
C TYR A 344 -22.82 -10.83 1.68
N VAL A 345 -22.29 -10.20 2.71
CA VAL A 345 -23.08 -9.37 3.61
C VAL A 345 -22.44 -8.00 3.72
N LEU A 346 -23.25 -7.04 4.14
CA LEU A 346 -22.88 -5.64 4.19
C LEU A 346 -21.99 -5.34 5.40
N GLU A 347 -22.15 -6.13 6.46
CA GLU A 347 -21.45 -5.88 7.71
C GLU A 347 -19.99 -6.28 7.53
N ILE A 348 -19.12 -5.60 8.25
CA ILE A 348 -17.69 -5.84 8.22
C ILE A 348 -17.29 -6.15 9.65
N THR A 349 -16.54 -7.23 9.83
CA THR A 349 -16.11 -7.70 11.14
C THR A 349 -14.72 -7.14 11.43
N PRO A 350 -14.48 -6.56 12.60
CA PRO A 350 -13.14 -6.07 12.94
C PRO A 350 -12.13 -7.21 13.05
N SER A 351 -10.88 -6.92 12.72
CA SER A 351 -9.76 -7.82 12.89
C SER A 351 -9.47 -8.06 14.35
N CYS A 352 -8.88 -9.22 14.64
CA CYS A 352 -8.49 -9.57 16.01
C CYS A 352 -7.06 -9.16 16.27
N ARG A 353 -6.86 -7.86 16.43
CA ARG A 353 -5.55 -7.37 16.75
C ARG A 353 -5.62 -6.24 17.75
N PRO A 354 -4.53 -5.99 18.46
CA PRO A 354 -4.56 -5.03 19.57
C PRO A 354 -4.89 -3.58 19.18
N ASP A 355 -5.65 -2.95 20.05
CA ASP A 355 -5.80 -1.50 20.04
C ASP A 355 -4.54 -0.90 20.67
N ARG A 356 -3.78 -0.13 19.91
CA ARG A 356 -2.53 0.43 20.43
C ARG A 356 -2.75 1.80 21.11
N ASN A 357 -4.01 2.20 21.29
CA ASN A 357 -4.32 3.48 21.93
C ASN A 357 -4.60 3.33 23.41
N GLU A 358 -3.71 3.94 24.17
CA GLU A 358 -3.78 3.93 25.62
C GLU A 358 -4.70 5.04 26.12
N PRO A 359 -5.62 4.71 27.03
CA PRO A 359 -6.60 5.69 27.54
C PRO A 359 -5.94 6.99 27.97
N HIS A 360 -4.84 6.91 28.69
CA HIS A 360 -4.19 8.12 29.17
C HIS A 360 -3.74 9.04 28.04
N ARG A 361 -3.08 8.51 27.02
CA ARG A 361 -2.63 9.32 25.88
C ARG A 361 -3.84 10.01 25.17
N ILE A 362 -4.89 9.24 24.91
CA ILE A 362 -6.13 9.78 24.37
C ILE A 362 -6.68 10.92 25.26
N GLN A 363 -6.60 10.76 26.58
CA GLN A 363 -7.09 11.81 27.49
C GLN A 363 -6.24 13.06 27.39
N GLN A 364 -4.91 12.91 27.37
CA GLN A 364 -4.01 14.06 27.17
C GLN A 364 -4.33 14.81 25.86
N ILE A 365 -4.63 14.05 24.81
CA ILE A 365 -4.85 14.62 23.51
C ILE A 365 -6.13 15.44 23.55
N LEU A 366 -7.18 14.87 24.14
CA LEU A 366 -8.48 15.52 24.15
C LEU A 366 -8.41 16.75 25.03
N ASN A 367 -7.69 16.65 26.14
CA ASN A 367 -7.56 17.80 27.06
C ASN A 367 -6.79 18.95 26.44
N TYR A 368 -5.73 18.64 25.71
CA TYR A 368 -4.97 19.59 24.93
C TYR A 368 -5.85 20.31 23.90
N ILE A 369 -6.69 19.56 23.21
CA ILE A 369 -7.59 20.13 22.19
C ILE A 369 -8.63 21.04 22.84
N LYS A 370 -9.18 20.60 23.97
CA LYS A 370 -10.14 21.40 24.72
C LYS A 370 -9.52 22.76 25.12
N GLY A 371 -8.28 22.73 25.57
CA GLY A 371 -7.57 23.96 25.91
C GLY A 371 -7.34 24.87 24.70
N ASN A 372 -6.98 24.30 23.56
CA ASN A 372 -6.80 25.07 22.32
C ASN A 372 -8.07 25.78 21.87
N LEU A 373 -9.20 25.09 22.01
CA LEU A 373 -10.49 25.61 21.56
C LEU A 373 -11.06 26.72 22.45
N LYS A 374 -10.56 26.82 23.68
CA LYS A 374 -10.94 27.91 24.59
C LYS A 374 -10.57 29.25 23.97
N HIS A 375 -9.51 29.25 23.17
CA HIS A 375 -9.04 30.46 22.49
C HIS A 375 -9.95 30.91 21.35
N VAL A 376 -10.63 29.97 20.71
CA VAL A 376 -11.51 30.24 19.57
C VAL A 376 -12.73 31.03 20.05
N VAL A 377 -12.73 32.34 19.77
CA VAL A 377 -13.78 33.23 20.27
C VAL A 377 -14.74 33.61 19.17
N SER B 10 32.65 -27.00 -4.35
CA SER B 10 34.08 -26.58 -4.35
C SER B 10 34.52 -26.12 -5.73
N GLY B 11 35.29 -25.04 -5.80
CA GLY B 11 35.90 -24.59 -7.03
C GLY B 11 35.13 -23.63 -7.90
N GLN B 12 33.91 -23.25 -7.51
CA GLN B 12 33.12 -22.28 -8.28
C GLN B 12 33.67 -20.87 -8.12
N SER B 13 33.50 -20.05 -9.16
CA SER B 13 34.01 -18.67 -9.14
C SER B 13 33.37 -17.84 -8.04
N LEU B 14 34.18 -16.98 -7.44
CA LEU B 14 33.73 -16.08 -6.39
C LEU B 14 33.10 -14.82 -6.98
N VAL B 15 33.19 -14.67 -8.30
CA VAL B 15 32.54 -13.59 -9.03
C VAL B 15 31.03 -13.89 -9.09
N PRO B 16 30.20 -13.05 -8.48
CA PRO B 16 28.75 -13.26 -8.53
C PRO B 16 28.19 -13.12 -9.95
N VAL B 17 27.22 -13.97 -10.30
CA VAL B 17 26.44 -13.81 -11.50
C VAL B 17 25.33 -12.76 -11.18
N TYR B 18 25.14 -11.85 -12.14
CA TYR B 18 24.14 -10.80 -12.09
C TYR B 18 23.26 -10.99 -13.33
N ILE B 19 22.02 -11.36 -13.09
CA ILE B 19 21.08 -11.63 -14.15
C ILE B 19 20.56 -10.28 -14.63
N TYR B 20 20.81 -9.99 -15.90
CA TYR B 20 20.52 -8.67 -16.45
C TYR B 20 20.52 -8.62 -17.96
N SER B 21 19.56 -7.93 -18.52
CA SER B 21 19.67 -7.39 -19.86
C SER B 21 18.85 -6.09 -19.89
N PRO B 22 19.16 -5.16 -20.79
CA PRO B 22 18.32 -3.96 -20.89
C PRO B 22 16.85 -4.32 -21.11
N GLU B 23 16.58 -5.39 -21.86
CA GLU B 23 15.22 -5.75 -22.25
C GLU B 23 14.43 -6.30 -21.06
N TYR B 24 15.11 -7.07 -20.22
CA TYR B 24 14.56 -7.64 -19.00
C TYR B 24 14.17 -6.52 -18.03
N VAL B 25 15.06 -5.57 -17.87
CA VAL B 25 14.80 -4.42 -17.00
C VAL B 25 13.60 -3.60 -17.50
N SER B 26 13.55 -3.29 -18.79
CA SER B 26 12.44 -2.51 -19.34
C SER B 26 11.10 -3.23 -19.17
N MET B 27 11.16 -4.55 -19.32
CA MET B 27 10.04 -5.44 -19.02
C MET B 27 9.63 -5.37 -17.55
N CYS B 28 10.58 -5.52 -16.64
CA CYS B 28 10.26 -5.49 -15.20
C CYS B 28 9.79 -4.08 -14.73
N ASP B 29 10.16 -3.04 -15.48
CA ASP B 29 9.73 -1.65 -15.18
C ASP B 29 8.24 -1.47 -15.43
N SER B 30 7.62 -2.39 -16.15
CA SER B 30 6.23 -2.23 -16.56
C SER B 30 5.22 -2.74 -15.54
N LEU B 31 5.71 -3.40 -14.48
CA LEU B 31 4.84 -3.99 -13.46
C LEU B 31 4.08 -2.84 -12.74
N ALA B 32 2.80 -3.08 -12.50
CA ALA B 32 1.85 -2.03 -12.13
C ALA B 32 2.19 -1.35 -10.80
N LYS B 33 2.52 -2.16 -9.82
CA LYS B 33 2.75 -1.69 -8.46
C LYS B 33 4.16 -1.14 -8.15
N ILE B 34 5.10 -1.33 -9.09
CA ILE B 34 6.49 -0.92 -8.92
C ILE B 34 7.06 -0.40 -10.25
N PRO B 35 6.37 0.57 -10.87
CA PRO B 35 6.87 1.19 -12.11
C PRO B 35 8.26 1.80 -11.97
N LYS B 36 9.13 1.50 -12.94
CA LYS B 36 10.52 1.98 -12.99
C LYS B 36 11.48 1.43 -11.92
N ARG B 37 11.00 0.60 -11.00
CA ARG B 37 11.88 0.17 -9.91
C ARG B 37 13.10 -0.60 -10.41
N ALA B 38 12.89 -1.45 -11.40
CA ALA B 38 13.98 -2.28 -11.92
C ALA B 38 15.09 -1.42 -12.54
N SER B 39 14.71 -0.34 -13.22
CA SER B 39 15.71 0.57 -13.80
C SER B 39 16.44 1.32 -12.69
N MET B 40 15.71 1.74 -11.67
CA MET B 40 16.34 2.44 -10.56
C MET B 40 17.38 1.56 -9.87
N VAL B 41 17.06 0.29 -9.64
CA VAL B 41 17.95 -0.64 -8.95
C VAL B 41 19.17 -0.87 -9.78
N HIS B 42 18.95 -1.18 -11.06
CA HIS B 42 20.07 -1.47 -11.94
C HIS B 42 20.97 -0.23 -12.10
N SER B 43 20.32 0.92 -12.30
CA SER B 43 21.03 2.17 -12.58
C SER B 43 21.88 2.61 -11.40
N LEU B 44 21.44 2.33 -10.17
CA LEU B 44 22.26 2.67 -9.01
C LEU B 44 23.42 1.68 -8.83
N ILE B 45 23.18 0.39 -9.06
CA ILE B 45 24.26 -0.64 -9.04
C ILE B 45 25.35 -0.22 -10.04
N GLU B 46 24.92 0.12 -11.26
CA GLU B 46 25.81 0.56 -12.35
C GLU B 46 26.59 1.84 -11.98
N ALA B 47 25.89 2.81 -11.39
CA ALA B 47 26.52 4.05 -10.98
C ALA B 47 27.59 3.84 -9.89
N TYR B 48 27.43 2.83 -9.04
CA TYR B 48 28.49 2.40 -8.12
C TYR B 48 29.54 1.47 -8.78
N ALA B 49 29.37 1.18 -10.06
CA ALA B 49 30.30 0.38 -10.85
C ALA B 49 30.35 -1.09 -10.39
N LEU B 50 29.28 -1.58 -9.77
CA LEU B 50 29.33 -2.92 -9.18
C LEU B 50 29.24 -4.01 -10.24
N HIS B 51 28.56 -3.71 -11.34
CA HIS B 51 28.39 -4.61 -12.48
C HIS B 51 29.73 -5.01 -13.09
N LYS B 52 30.72 -4.11 -12.98
CA LYS B 52 32.07 -4.40 -13.42
C LYS B 52 32.69 -5.55 -12.67
N GLN B 53 32.27 -5.75 -11.42
CA GLN B 53 32.82 -6.79 -10.58
C GLN B 53 31.99 -8.10 -10.62
N MET B 54 30.99 -8.13 -11.48
CA MET B 54 30.12 -9.29 -11.63
C MET B 54 30.10 -9.78 -13.07
N ARG B 55 29.57 -10.99 -13.21
CA ARG B 55 29.42 -11.66 -14.47
C ARG B 55 27.97 -11.53 -14.91
N ILE B 56 27.77 -10.66 -15.90
CA ILE B 56 26.47 -10.31 -16.40
C ILE B 56 25.96 -11.45 -17.29
N VAL B 57 24.80 -11.99 -16.93
CA VAL B 57 24.20 -13.08 -17.65
C VAL B 57 22.81 -12.68 -18.10
N LYS B 58 22.60 -12.70 -19.41
CA LYS B 58 21.26 -12.52 -20.01
C LYS B 58 20.26 -13.58 -19.50
N PRO B 59 19.08 -13.17 -19.04
CA PRO B 59 18.07 -14.15 -18.66
C PRO B 59 17.41 -14.80 -19.87
N LYS B 60 17.21 -16.12 -19.80
CA LYS B 60 16.39 -16.83 -20.77
C LYS B 60 14.91 -16.80 -20.31
N VAL B 61 13.99 -16.66 -21.27
CA VAL B 61 12.57 -16.63 -20.98
C VAL B 61 12.17 -18.06 -20.61
N ALA B 62 11.30 -18.18 -19.61
CA ALA B 62 10.80 -19.47 -19.18
C ALA B 62 9.85 -20.00 -20.25
N SER B 63 10.06 -21.25 -20.66
CA SER B 63 9.10 -21.95 -21.51
C SER B 63 7.82 -22.34 -20.74
N MET B 64 6.73 -22.50 -21.48
CA MET B 64 5.47 -22.97 -20.95
C MET B 64 5.67 -24.22 -20.08
N GLU B 65 6.45 -25.17 -20.58
CA GLU B 65 6.78 -26.41 -19.86
C GLU B 65 7.50 -26.14 -18.52
N GLU B 66 8.46 -25.23 -18.54
CA GLU B 66 9.15 -24.85 -17.32
C GLU B 66 8.20 -24.24 -16.29
N MET B 67 7.32 -23.35 -16.72
CA MET B 67 6.41 -22.68 -15.80
C MET B 67 5.43 -23.69 -15.27
N ALA B 68 5.14 -24.71 -16.08
CA ALA B 68 4.13 -25.69 -15.73
C ALA B 68 4.65 -26.84 -14.84
N THR B 69 5.93 -26.85 -14.49
CA THR B 69 6.39 -27.73 -13.40
C THR B 69 5.72 -27.35 -12.07
N PHE B 70 5.32 -26.08 -11.92
CA PHE B 70 4.58 -25.69 -10.72
C PHE B 70 3.15 -25.22 -10.98
N HIS B 71 2.99 -24.34 -11.96
CA HIS B 71 1.69 -23.74 -12.26
C HIS B 71 0.84 -24.66 -13.11
N THR B 72 -0.49 -24.60 -12.93
CA THR B 72 -1.42 -25.34 -13.76
C THR B 72 -1.50 -24.72 -15.15
N ASP B 73 -1.80 -25.56 -16.13
CA ASP B 73 -1.90 -25.09 -17.50
C ASP B 73 -3.10 -24.24 -17.67
N ALA B 74 -4.17 -24.51 -16.93
CA ALA B 74 -5.39 -23.71 -16.96
C ALA B 74 -5.14 -22.27 -16.52
N TYR B 75 -4.37 -22.11 -15.44
CA TYR B 75 -4.00 -20.78 -15.00
C TYR B 75 -3.06 -20.13 -16.00
N LEU B 76 -2.02 -20.85 -16.42
CA LEU B 76 -1.09 -20.32 -17.40
C LEU B 76 -1.79 -19.86 -18.70
N GLN B 77 -2.79 -20.62 -19.16
CA GLN B 77 -3.47 -20.29 -20.39
C GLN B 77 -4.40 -19.10 -20.16
N HIS B 78 -4.92 -18.95 -18.95
CA HIS B 78 -5.75 -17.79 -18.64
C HIS B 78 -4.87 -16.55 -18.63
N LEU B 79 -3.73 -16.63 -17.94
CA LEU B 79 -2.85 -15.48 -17.82
C LEU B 79 -2.45 -14.99 -19.21
N GLN B 80 -1.96 -15.93 -20.02
CA GLN B 80 -1.53 -15.67 -21.39
C GLN B 80 -2.65 -15.03 -22.23
N LYS B 81 -3.87 -15.48 -22.00
CA LYS B 81 -5.05 -15.03 -22.73
C LYS B 81 -5.34 -13.58 -22.43
N VAL B 82 -5.40 -13.23 -21.15
CA VAL B 82 -5.72 -11.85 -20.73
C VAL B 82 -4.57 -10.87 -20.98
N SER B 83 -3.37 -11.42 -21.09
CA SER B 83 -2.17 -10.64 -21.35
C SER B 83 -2.14 -10.06 -22.77
N GLN B 84 -2.74 -10.77 -23.73
CA GLN B 84 -2.73 -10.36 -25.14
C GLN B 84 -3.08 -8.88 -25.31
N GLU B 85 -4.23 -8.47 -24.78
CA GLU B 85 -4.69 -7.07 -24.84
C GLU B 85 -4.89 -6.39 -23.47
N GLY B 86 -4.55 -7.08 -22.39
CA GLY B 86 -4.77 -6.55 -21.04
C GLY B 86 -6.25 -6.50 -20.67
N ASP B 87 -6.92 -7.64 -20.83
CA ASP B 87 -8.32 -7.78 -20.50
C ASP B 87 -8.54 -7.87 -18.97
N ASP B 88 -8.82 -6.74 -18.35
CA ASP B 88 -8.94 -6.67 -16.88
C ASP B 88 -10.38 -6.80 -16.40
N ASP B 89 -11.22 -7.38 -17.26
CA ASP B 89 -12.67 -7.48 -17.08
C ASP B 89 -13.18 -8.91 -17.32
N HIS B 90 -12.29 -9.90 -17.36
CA HIS B 90 -12.69 -11.26 -17.68
C HIS B 90 -13.35 -11.94 -16.46
N PRO B 91 -14.55 -12.53 -16.63
CA PRO B 91 -15.27 -13.14 -15.50
C PRO B 91 -14.50 -14.22 -14.72
N ASP B 92 -13.60 -14.94 -15.38
CA ASP B 92 -12.77 -15.95 -14.72
C ASP B 92 -11.59 -15.43 -13.92
N SER B 93 -11.19 -14.19 -14.14
CA SER B 93 -10.00 -13.63 -13.53
C SER B 93 -10.02 -13.65 -12.00
N ILE B 94 -11.18 -13.37 -11.39
CA ILE B 94 -11.27 -13.33 -9.93
C ILE B 94 -10.94 -14.71 -9.34
N GLU B 95 -11.37 -15.74 -10.04
CA GLU B 95 -11.03 -17.13 -9.77
C GLU B 95 -9.53 -17.36 -9.78
N TYR B 96 -8.86 -16.76 -10.76
CA TYR B 96 -7.42 -16.90 -10.92
C TYR B 96 -6.56 -15.88 -10.15
N GLY B 97 -7.19 -15.15 -9.24
CA GLY B 97 -6.51 -14.18 -8.38
C GLY B 97 -6.17 -12.83 -9.00
N LEU B 98 -6.61 -12.60 -10.24
CA LEU B 98 -6.34 -11.34 -10.94
C LEU B 98 -7.38 -10.32 -10.51
N GLY B 99 -6.98 -9.09 -10.33
CA GLY B 99 -7.90 -8.09 -9.82
C GLY B 99 -7.15 -6.86 -9.37
N TYR B 100 -7.53 -6.33 -8.23
CA TYR B 100 -6.91 -5.14 -7.70
C TYR B 100 -5.39 -5.34 -7.47
N ASP B 101 -4.99 -6.32 -6.68
CA ASP B 101 -3.56 -6.55 -6.39
C ASP B 101 -2.81 -6.99 -7.64
N CYS B 102 -3.42 -7.88 -8.43
CA CYS B 102 -2.80 -8.40 -9.63
C CYS B 102 -3.60 -8.10 -10.89
N PRO B 103 -3.54 -6.84 -11.36
CA PRO B 103 -4.26 -6.48 -12.58
C PRO B 103 -3.72 -7.20 -13.80
N ALA B 104 -4.61 -7.44 -14.76
CA ALA B 104 -4.24 -8.08 -16.01
C ALA B 104 -3.76 -7.00 -16.97
N THR B 105 -2.52 -6.55 -16.79
CA THR B 105 -1.93 -5.53 -17.71
C THR B 105 -1.49 -6.21 -19.01
N GLU B 106 -1.57 -5.50 -20.11
CA GLU B 106 -1.16 -6.05 -21.40
C GLU B 106 0.29 -6.49 -21.28
N GLY B 107 0.58 -7.72 -21.68
CA GLY B 107 1.92 -8.26 -21.65
C GLY B 107 2.35 -8.92 -20.34
N ILE B 108 1.50 -8.94 -19.31
CA ILE B 108 1.89 -9.50 -18.01
C ILE B 108 2.39 -10.92 -18.12
N PHE B 109 1.81 -11.70 -19.01
CA PHE B 109 2.30 -13.06 -19.20
C PHE B 109 3.78 -13.06 -19.61
N ASP B 110 4.16 -12.15 -20.51
CA ASP B 110 5.52 -12.05 -20.99
C ASP B 110 6.44 -11.55 -19.86
N TYR B 111 5.99 -10.57 -19.11
CA TYR B 111 6.75 -10.08 -17.98
C TYR B 111 6.99 -11.21 -16.97
N ALA B 112 5.95 -12.01 -16.72
CA ALA B 112 6.01 -13.08 -15.73
C ALA B 112 6.91 -14.22 -16.20
N ALA B 113 6.82 -14.56 -17.48
CA ALA B 113 7.70 -15.57 -18.09
C ALA B 113 9.17 -15.15 -18.07
N ALA B 114 9.44 -13.87 -18.27
CA ALA B 114 10.82 -13.35 -18.20
C ALA B 114 11.42 -13.47 -16.79
N ILE B 115 10.61 -13.14 -15.78
CA ILE B 115 11.07 -13.18 -14.40
C ILE B 115 11.30 -14.61 -13.91
N GLY B 116 10.41 -15.54 -14.29
CA GLY B 116 10.60 -16.94 -13.93
C GLY B 116 11.84 -17.50 -14.61
N GLY B 117 11.98 -17.13 -15.89
CA GLY B 117 13.13 -17.49 -16.69
C GLY B 117 14.44 -16.96 -16.12
N ALA B 118 14.40 -15.77 -15.55
CA ALA B 118 15.57 -15.17 -14.95
C ALA B 118 15.98 -15.88 -13.68
N THR B 119 15.02 -16.27 -12.85
CA THR B 119 15.36 -17.04 -11.66
C THR B 119 15.84 -18.44 -12.04
N ILE B 120 15.20 -19.05 -13.05
CA ILE B 120 15.66 -20.34 -13.57
C ILE B 120 17.09 -20.25 -14.10
N THR B 121 17.38 -19.20 -14.85
CA THR B 121 18.71 -18.97 -15.34
C THR B 121 19.68 -18.83 -14.19
N ALA B 122 19.29 -18.12 -13.15
CA ALA B 122 20.15 -17.99 -11.99
C ALA B 122 20.40 -19.35 -11.35
N ALA B 123 19.36 -20.17 -11.28
CA ALA B 123 19.49 -21.51 -10.71
C ALA B 123 20.44 -22.40 -11.54
N GLN B 124 20.34 -22.31 -12.86
CA GLN B 124 21.21 -23.08 -13.77
C GLN B 124 22.68 -22.68 -13.64
N CYS B 125 22.95 -21.38 -13.60
CA CYS B 125 24.27 -20.87 -13.29
C CYS B 125 24.85 -21.52 -12.04
N LEU B 126 24.07 -21.58 -10.98
CA LEU B 126 24.46 -22.23 -9.73
C LEU B 126 24.72 -23.73 -9.93
N ILE B 127 23.85 -24.42 -10.66
CA ILE B 127 24.02 -25.86 -10.95
C ILE B 127 25.33 -26.13 -11.70
N ASP B 128 25.67 -25.24 -12.62
CA ASP B 128 26.76 -25.44 -13.57
C ASP B 128 28.11 -25.06 -13.02
N GLY B 129 28.10 -24.52 -11.80
CA GLY B 129 29.31 -24.18 -11.07
C GLY B 129 29.96 -22.92 -11.58
N MET B 130 29.16 -22.07 -12.22
CA MET B 130 29.60 -20.76 -12.73
C MET B 130 29.90 -19.77 -11.62
N CYS B 131 29.29 -19.98 -10.45
CA CYS B 131 29.30 -19.01 -9.37
C CYS B 131 28.83 -19.65 -8.06
N LYS B 132 29.14 -19.01 -6.93
CA LYS B 132 28.58 -19.39 -5.64
C LYS B 132 27.31 -18.60 -5.36
N VAL B 133 27.18 -17.44 -5.97
CA VAL B 133 26.07 -16.51 -5.73
C VAL B 133 25.56 -16.00 -7.08
N ALA B 134 24.25 -16.06 -7.27
CA ALA B 134 23.61 -15.60 -8.50
C ALA B 134 22.41 -14.77 -8.12
N ILE B 135 22.24 -13.62 -8.76
CA ILE B 135 21.37 -12.55 -8.27
C ILE B 135 20.34 -12.25 -9.31
N ASN B 136 19.07 -12.28 -8.91
CA ASN B 136 17.96 -11.73 -9.72
C ASN B 136 17.12 -10.75 -8.91
N TRP B 137 17.55 -9.50 -8.85
CA TRP B 137 16.85 -8.51 -8.01
C TRP B 137 15.40 -8.25 -8.40
N SER B 138 15.01 -8.57 -9.62
CA SER B 138 13.62 -8.47 -10.08
C SER B 138 12.76 -9.73 -9.91
N GLY B 139 13.32 -10.76 -9.28
CA GLY B 139 12.55 -11.94 -8.89
C GLY B 139 12.10 -11.80 -7.45
N GLY B 140 11.65 -12.92 -6.88
CA GLY B 140 11.20 -12.96 -5.50
C GLY B 140 9.70 -12.87 -5.32
N TRP B 141 8.93 -13.31 -6.30
CA TRP B 141 7.46 -13.17 -6.28
C TRP B 141 6.78 -14.38 -5.61
N HIS B 142 6.92 -14.33 -4.30
CA HIS B 142 6.68 -15.47 -3.44
C HIS B 142 5.24 -15.85 -3.10
N HIS B 143 4.26 -14.98 -3.38
CA HIS B 143 2.85 -15.25 -3.03
C HIS B 143 2.06 -16.11 -4.04
N ALA B 144 2.56 -16.20 -5.28
CA ALA B 144 1.82 -16.85 -6.37
C ALA B 144 1.67 -18.33 -6.09
N LYS B 145 0.45 -18.83 -6.26
CA LYS B 145 0.17 -20.25 -6.06
C LYS B 145 0.11 -20.94 -7.40
N LYS B 146 0.04 -22.27 -7.40
CA LYS B 146 -0.01 -23.05 -8.65
C LYS B 146 -1.04 -22.52 -9.63
N ASP B 147 -2.18 -22.06 -9.12
CA ASP B 147 -3.32 -21.74 -9.98
C ASP B 147 -3.93 -20.38 -9.68
N GLU B 148 -3.15 -19.46 -9.09
CA GLU B 148 -3.67 -18.20 -8.60
C GLU B 148 -2.57 -17.15 -8.44
N ALA B 149 -2.80 -15.98 -9.02
CA ALA B 149 -1.97 -14.82 -8.77
C ALA B 149 -2.32 -14.30 -7.39
N SER B 150 -1.35 -13.73 -6.70
CA SER B 150 -1.58 -13.20 -5.34
C SER B 150 -0.51 -12.18 -5.02
N GLY B 151 -0.93 -11.07 -4.44
CA GLY B 151 -0.04 -10.11 -3.81
C GLY B 151 1.02 -9.55 -4.76
N PHE B 152 0.57 -9.14 -5.95
CA PHE B 152 1.42 -8.58 -7.00
C PHE B 152 2.31 -9.63 -7.70
N CYS B 153 2.05 -10.91 -7.46
CA CYS B 153 2.87 -11.99 -7.97
C CYS B 153 2.01 -12.81 -8.92
N TYR B 154 2.43 -12.93 -10.17
CA TYR B 154 1.67 -13.66 -11.20
C TYR B 154 2.25 -15.04 -11.43
N LEU B 155 3.51 -15.19 -11.08
CA LEU B 155 4.21 -16.42 -11.28
C LEU B 155 5.28 -16.54 -10.24
N ASN B 156 5.38 -17.73 -9.64
CA ASN B 156 6.24 -17.94 -8.48
C ASN B 156 7.63 -18.39 -8.91
N ASP B 157 8.44 -17.40 -9.23
CA ASP B 157 9.76 -17.66 -9.78
C ASP B 157 10.65 -18.31 -8.72
N ALA B 158 10.45 -17.99 -7.43
CA ALA B 158 11.24 -18.64 -6.39
C ALA B 158 11.03 -20.14 -6.38
N VAL B 159 9.78 -20.58 -6.43
CA VAL B 159 9.47 -22.02 -6.54
C VAL B 159 10.13 -22.61 -7.78
N LEU B 160 10.00 -21.93 -8.91
CA LEU B 160 10.65 -22.39 -10.13
C LEU B 160 12.15 -22.56 -9.97
N GLY B 161 12.80 -21.62 -9.29
CA GLY B 161 14.22 -21.70 -9.08
C GLY B 161 14.60 -22.80 -8.12
N ILE B 162 13.76 -23.02 -7.12
CA ILE B 162 13.99 -24.10 -6.16
C ILE B 162 13.88 -25.47 -6.83
N LEU B 163 12.89 -25.65 -7.70
CA LEU B 163 12.72 -26.87 -8.45
C LEU B 163 13.92 -27.12 -9.34
N ARG B 164 14.45 -26.07 -9.97
CA ARG B 164 15.63 -26.21 -10.82
C ARG B 164 16.84 -26.66 -10.04
N LEU B 165 17.10 -26.01 -8.89
CA LEU B 165 18.22 -26.35 -8.03
C LEU B 165 18.11 -27.80 -7.52
N ARG B 166 16.87 -28.28 -7.36
CA ARG B 166 16.67 -29.66 -6.90
C ARG B 166 17.26 -30.71 -7.86
N ARG B 167 17.44 -30.39 -9.13
CA ARG B 167 18.09 -31.30 -10.06
C ARG B 167 19.48 -31.75 -9.60
N LYS B 168 20.20 -30.86 -8.89
CA LYS B 168 21.56 -31.09 -8.43
C LYS B 168 21.74 -31.14 -6.90
N PHE B 169 21.01 -30.32 -6.15
CA PHE B 169 21.23 -30.18 -4.71
C PHE B 169 20.12 -30.88 -3.90
N GLU B 170 20.53 -31.73 -2.97
CA GLU B 170 19.63 -32.67 -2.31
C GLU B 170 18.60 -31.96 -1.42
N ARG B 171 19.02 -30.93 -0.68
CA ARG B 171 18.14 -30.16 0.21
C ARG B 171 18.30 -28.64 -0.04
N ILE B 172 17.19 -27.94 -0.25
CA ILE B 172 17.23 -26.49 -0.49
C ILE B 172 16.68 -25.78 0.75
N LEU B 173 17.40 -24.80 1.28
CA LEU B 173 16.86 -23.89 2.28
C LEU B 173 16.34 -22.62 1.58
N TYR B 174 15.07 -22.32 1.73
CA TYR B 174 14.54 -21.05 1.24
C TYR B 174 14.37 -20.09 2.43
N VAL B 175 15.02 -18.95 2.37
CA VAL B 175 14.91 -17.91 3.42
C VAL B 175 14.24 -16.66 2.89
N ASP B 176 13.22 -16.20 3.60
CA ASP B 176 12.34 -15.15 3.14
C ASP B 176 12.26 -14.02 4.18
N LEU B 177 12.97 -12.93 3.88
CA LEU B 177 13.05 -11.75 4.76
C LEU B 177 12.19 -10.58 4.27
N ASP B 178 11.40 -10.81 3.22
CA ASP B 178 10.32 -9.89 2.83
C ASP B 178 9.47 -9.51 4.05
N LEU B 179 8.83 -8.35 4.05
CA LEU B 179 7.80 -8.03 5.07
C LEU B 179 6.66 -9.06 5.19
N HIS B 180 6.23 -9.64 4.07
CA HIS B 180 5.08 -10.52 4.07
C HIS B 180 5.47 -11.99 4.13
N HIS B 181 4.59 -12.81 4.68
CA HIS B 181 4.80 -14.24 4.72
C HIS B 181 4.91 -14.76 3.27
N GLY B 182 5.98 -15.51 2.98
CA GLY B 182 6.14 -16.22 1.71
C GLY B 182 5.32 -17.50 1.61
N ASP B 183 4.00 -17.32 1.64
CA ASP B 183 3.02 -18.40 1.65
C ASP B 183 3.02 -19.27 0.40
N GLY B 184 3.26 -18.67 -0.77
CA GLY B 184 3.27 -19.41 -2.03
C GLY B 184 4.35 -20.46 -2.07
N VAL B 185 5.57 -20.06 -1.70
CA VAL B 185 6.71 -21.00 -1.65
C VAL B 185 6.46 -22.05 -0.53
N GLU B 186 5.96 -21.59 0.62
CA GLU B 186 5.77 -22.51 1.74
C GLU B 186 4.77 -23.58 1.37
N ASP B 187 3.64 -23.17 0.79
CA ASP B 187 2.59 -24.09 0.41
C ASP B 187 3.09 -25.04 -0.67
N ALA B 188 3.88 -24.55 -1.62
CA ALA B 188 4.42 -25.39 -2.68
C ALA B 188 5.19 -26.58 -2.13
N PHE B 189 5.97 -26.34 -1.07
CA PHE B 189 6.82 -27.36 -0.48
C PHE B 189 6.34 -27.87 0.88
N SER B 190 5.09 -27.59 1.22
CA SER B 190 4.53 -27.91 2.55
C SER B 190 4.65 -29.39 2.93
N PHE B 191 4.54 -30.26 1.92
CA PHE B 191 4.50 -31.70 2.10
C PHE B 191 5.83 -32.43 1.92
N THR B 192 6.91 -31.69 1.69
CA THR B 192 8.20 -32.30 1.47
C THR B 192 9.23 -31.87 2.50
N SER B 193 10.18 -32.77 2.77
CA SER B 193 11.28 -32.53 3.66
C SER B 193 12.58 -32.23 2.88
N LYS B 194 12.48 -32.08 1.58
CA LYS B 194 13.66 -31.77 0.77
C LYS B 194 13.90 -30.28 0.64
N VAL B 195 12.88 -29.49 0.94
CA VAL B 195 12.98 -28.04 0.92
C VAL B 195 12.43 -27.52 2.22
N MET B 196 13.24 -26.79 2.99
CA MET B 196 12.75 -26.14 4.22
C MET B 196 12.54 -24.67 3.92
N THR B 197 11.37 -24.13 4.25
CA THR B 197 11.14 -22.69 4.08
C THR B 197 11.25 -22.00 5.44
N VAL B 198 11.89 -20.84 5.48
CA VAL B 198 12.00 -20.02 6.68
C VAL B 198 11.59 -18.57 6.31
N SER B 199 10.59 -18.05 6.99
CA SER B 199 10.02 -16.75 6.65
C SER B 199 9.88 -15.98 7.95
N LEU B 200 10.50 -14.80 7.97
CA LEU B 200 10.31 -13.80 9.01
C LEU B 200 9.40 -12.76 8.41
N HIS B 201 8.34 -12.38 9.13
CA HIS B 201 7.33 -11.50 8.54
C HIS B 201 6.43 -10.89 9.54
N LYS B 202 5.77 -9.80 9.13
CA LYS B 202 4.71 -9.22 9.96
C LYS B 202 3.56 -10.18 10.01
N PHE B 203 3.07 -10.40 11.22
CA PHE B 203 1.94 -11.29 11.45
C PHE B 203 0.94 -10.62 12.41
N SER B 204 -0.19 -10.23 11.89
CA SER B 204 -1.21 -9.48 12.66
C SER B 204 -2.52 -9.62 11.89
N PRO B 205 -3.62 -10.13 12.48
CA PRO B 205 -4.83 -10.35 11.69
C PRO B 205 -5.23 -9.11 10.89
N GLY B 206 -5.60 -9.30 9.62
CA GLY B 206 -5.86 -8.21 8.69
C GLY B 206 -4.69 -7.82 7.79
N PHE B 207 -3.47 -8.23 8.16
CA PHE B 207 -2.27 -7.93 7.37
C PHE B 207 -1.92 -9.09 6.43
N PHE B 208 -1.77 -8.75 5.15
CA PHE B 208 -1.63 -9.72 4.07
C PHE B 208 -0.39 -10.61 4.29
N PRO B 209 -0.47 -11.89 3.95
CA PRO B 209 -1.66 -12.59 3.48
C PRO B 209 -2.50 -13.27 4.56
N GLY B 210 -2.13 -13.09 5.83
CA GLY B 210 -2.93 -13.61 6.93
C GLY B 210 -2.45 -14.96 7.48
N THR B 211 -1.41 -15.53 6.87
CA THR B 211 -0.88 -16.83 7.26
C THR B 211 0.49 -16.69 7.92
N GLY B 212 1.03 -17.83 8.32
CA GLY B 212 2.39 -17.91 8.83
C GLY B 212 2.55 -17.62 10.31
N ASP B 213 1.67 -18.13 11.16
CA ASP B 213 1.94 -18.12 12.60
C ASP B 213 3.09 -19.08 12.95
N VAL B 214 3.69 -18.91 14.11
CA VAL B 214 4.74 -19.81 14.55
C VAL B 214 4.31 -21.30 14.60
N SER B 215 3.02 -21.57 14.77
CA SER B 215 2.49 -22.96 14.79
C SER B 215 2.37 -23.59 13.41
N ASP B 216 2.57 -22.82 12.33
CA ASP B 216 2.53 -23.38 10.99
C ASP B 216 3.88 -23.98 10.68
N VAL B 217 3.91 -25.31 10.65
CA VAL B 217 5.14 -26.06 10.51
C VAL B 217 5.14 -26.97 9.30
N GLY B 218 4.14 -26.84 8.43
CA GLY B 218 4.06 -27.69 7.26
C GLY B 218 3.18 -28.87 7.62
N LEU B 219 3.05 -29.82 6.69
CA LEU B 219 2.10 -30.94 6.80
C LEU B 219 2.69 -32.27 6.36
N GLY B 220 2.19 -33.35 6.95
CA GLY B 220 2.50 -34.68 6.52
C GLY B 220 3.96 -34.93 6.69
N LYS B 221 4.59 -35.41 5.62
CA LYS B 221 6.02 -35.67 5.60
C LYS B 221 6.83 -34.36 5.74
N GLY B 222 6.20 -33.23 5.40
CA GLY B 222 6.83 -31.94 5.56
C GLY B 222 6.70 -31.28 6.92
N ARG B 223 6.04 -31.93 7.87
CA ARG B 223 5.87 -31.37 9.19
C ARG B 223 7.23 -31.07 9.80
N TYR B 224 7.37 -29.83 10.28
CA TYR B 224 8.60 -29.26 10.85
C TYR B 224 9.61 -28.78 9.79
N TYR B 225 9.27 -28.93 8.50
CA TYR B 225 10.11 -28.38 7.41
C TYR B 225 9.53 -27.08 6.85
N SER B 226 8.63 -26.45 7.61
CA SER B 226 8.27 -25.04 7.42
C SER B 226 8.50 -24.29 8.72
N VAL B 227 9.15 -23.13 8.64
CA VAL B 227 9.46 -22.31 9.81
C VAL B 227 8.92 -20.92 9.57
N ASN B 228 8.15 -20.43 10.54
CA ASN B 228 7.54 -19.12 10.50
C ASN B 228 7.86 -18.30 11.74
N VAL B 229 8.35 -17.09 11.54
CA VAL B 229 8.68 -16.19 12.62
C VAL B 229 7.75 -14.97 12.51
N PRO B 230 6.64 -14.99 13.26
CA PRO B 230 5.69 -13.87 13.29
C PRO B 230 6.28 -12.73 14.12
N ILE B 231 6.32 -11.54 13.52
CA ILE B 231 6.95 -10.37 14.12
C ILE B 231 5.95 -9.21 14.08
N GLN B 232 6.03 -8.31 15.07
CA GLN B 232 5.18 -7.12 15.14
C GLN B 232 5.83 -5.85 14.54
N ASP B 233 5.04 -4.79 14.34
CA ASP B 233 5.53 -3.53 13.82
C ASP B 233 6.71 -3.00 14.64
N GLY B 234 7.66 -2.39 13.95
CA GLY B 234 8.60 -1.48 14.59
C GLY B 234 9.95 -2.08 14.90
N ILE B 235 10.17 -3.32 14.47
CA ILE B 235 11.44 -3.97 14.72
C ILE B 235 12.56 -3.27 13.93
N GLN B 236 13.70 -3.15 14.59
CA GLN B 236 14.91 -2.54 14.05
C GLN B 236 16.05 -3.57 13.92
N ASP B 237 17.18 -3.12 13.37
CA ASP B 237 18.31 -3.95 12.99
C ASP B 237 18.82 -4.90 14.06
N GLU B 238 19.01 -4.43 15.28
CA GLU B 238 19.66 -5.22 16.32
C GLU B 238 18.83 -6.44 16.62
N LYS B 239 17.56 -6.24 16.88
CA LYS B 239 16.69 -7.30 17.32
C LYS B 239 16.40 -8.25 16.20
N TYR B 240 16.25 -7.71 14.98
CA TYR B 240 15.91 -8.54 13.82
C TYR B 240 17.03 -9.52 13.61
N TYR B 241 18.27 -9.02 13.62
CA TYR B 241 19.41 -9.89 13.49
C TYR B 241 19.51 -10.95 14.58
N GLN B 242 19.26 -10.62 15.84
CA GLN B 242 19.34 -11.60 16.93
C GLN B 242 18.37 -12.75 16.66
N ILE B 243 17.16 -12.40 16.24
CA ILE B 243 16.12 -13.39 15.88
C ILE B 243 16.56 -14.24 14.68
N CYS B 244 16.95 -13.57 13.59
CA CYS B 244 17.36 -14.25 12.37
C CYS B 244 18.55 -15.20 12.58
N GLU B 245 19.59 -14.73 13.26
CA GLU B 245 20.75 -15.56 13.57
C GLU B 245 20.36 -16.76 14.38
N SER B 246 19.50 -16.57 15.38
CA SER B 246 19.12 -17.67 16.27
C SER B 246 18.39 -18.79 15.51
N VAL B 247 17.43 -18.40 14.68
CA VAL B 247 16.67 -19.35 13.88
C VAL B 247 17.57 -20.00 12.84
N LEU B 248 18.38 -19.22 12.11
CA LEU B 248 19.19 -19.78 11.02
C LEU B 248 20.30 -20.69 11.52
N LYS B 249 20.79 -20.39 12.72
CA LYS B 249 21.84 -21.18 13.36
C LYS B 249 21.27 -22.58 13.56
N GLU B 250 20.10 -22.65 14.18
CA GLU B 250 19.38 -23.89 14.44
C GLU B 250 18.95 -24.63 13.16
N VAL B 251 18.51 -23.87 12.14
CA VAL B 251 18.00 -24.47 10.93
C VAL B 251 19.16 -25.14 10.20
N TYR B 252 20.24 -24.40 10.05
CA TYR B 252 21.45 -24.90 9.40
C TYR B 252 21.94 -26.21 9.99
N GLN B 253 21.95 -26.26 11.33
CA GLN B 253 22.40 -27.43 12.10
C GLN B 253 21.50 -28.64 11.90
N ALA B 254 20.19 -28.43 12.03
CA ALA B 254 19.21 -29.50 11.90
C ALA B 254 19.09 -30.02 10.47
N PHE B 255 19.11 -29.10 9.49
CA PHE B 255 18.66 -29.41 8.14
C PHE B 255 19.82 -29.62 7.16
N ASN B 256 21.00 -29.08 7.49
CA ASN B 256 22.17 -29.19 6.64
C ASN B 256 21.85 -28.98 5.16
N PRO B 257 21.50 -27.74 4.80
CA PRO B 257 21.17 -27.43 3.41
C PRO B 257 22.34 -27.63 2.44
N LYS B 258 22.05 -27.99 1.18
CA LYS B 258 23.06 -28.03 0.14
C LYS B 258 23.04 -26.82 -0.79
N ALA B 259 21.96 -26.03 -0.70
CA ALA B 259 21.84 -24.79 -1.42
C ALA B 259 20.80 -23.86 -0.76
N VAL B 260 20.95 -22.57 -1.00
CA VAL B 260 20.10 -21.55 -0.42
C VAL B 260 19.44 -20.66 -1.47
N VAL B 261 18.16 -20.35 -1.25
CA VAL B 261 17.47 -19.35 -2.01
C VAL B 261 17.01 -18.28 -1.00
N LEU B 262 17.35 -17.03 -1.26
CA LEU B 262 17.22 -15.94 -0.30
C LEU B 262 16.42 -14.82 -0.89
N GLN B 263 15.22 -14.62 -0.36
CA GLN B 263 14.33 -13.56 -0.83
C GLN B 263 14.54 -12.35 0.07
N LEU B 264 14.85 -11.19 -0.52
CA LEU B 264 15.26 -9.99 0.22
C LEU B 264 14.36 -8.78 0.00
N GLY B 265 13.05 -9.01 0.05
CA GLY B 265 12.11 -7.93 -0.17
C GLY B 265 12.40 -6.77 0.76
N ALA B 266 12.47 -5.55 0.21
CA ALA B 266 12.85 -4.34 0.91
C ALA B 266 11.69 -3.57 1.50
N ASP B 267 10.50 -4.16 1.50
CA ASP B 267 9.36 -3.53 2.17
C ASP B 267 9.44 -3.52 3.72
N THR B 268 10.50 -4.08 4.27
CA THR B 268 10.80 -4.02 5.72
C THR B 268 11.53 -2.71 6.11
N ILE B 269 12.07 -2.02 5.11
CA ILE B 269 12.99 -0.90 5.30
C ILE B 269 12.27 0.40 5.67
N ALA B 270 12.75 1.03 6.71
CA ALA B 270 12.28 2.36 7.11
C ALA B 270 12.07 3.23 5.88
N GLY B 271 10.93 3.93 5.83
CA GLY B 271 10.59 4.78 4.69
C GLY B 271 9.58 4.13 3.73
N ASP B 272 9.38 2.82 3.84
CA ASP B 272 8.39 2.18 3.01
C ASP B 272 6.99 2.68 3.38
N PRO B 273 6.14 2.97 2.40
CA PRO B 273 4.79 3.46 2.72
C PRO B 273 3.95 2.50 3.56
N MET B 274 4.23 1.21 3.49
CA MET B 274 3.61 0.22 4.38
C MET B 274 3.95 0.38 5.87
N CYS B 275 5.08 1.02 6.18
CA CYS B 275 5.34 1.57 7.51
C CYS B 275 5.05 0.59 8.64
N SER B 276 5.69 -0.57 8.58
CA SER B 276 5.47 -1.65 9.51
C SER B 276 6.77 -1.96 10.24
N PHE B 277 7.70 -2.63 9.57
CA PHE B 277 9.04 -2.78 10.14
C PHE B 277 9.82 -1.48 10.03
N ASN B 278 10.96 -1.42 10.70
CA ASN B 278 11.78 -0.22 10.81
C ASN B 278 13.25 -0.52 10.66
N MET B 279 13.52 -1.37 9.67
CA MET B 279 14.85 -1.88 9.31
C MET B 279 15.65 -0.91 8.44
N THR B 280 16.98 -1.06 8.48
CA THR B 280 17.90 -0.50 7.47
C THR B 280 18.57 -1.60 6.66
N PRO B 281 19.09 -1.28 5.48
CA PRO B 281 19.88 -2.27 4.72
C PRO B 281 21.05 -2.89 5.49
N VAL B 282 21.58 -2.22 6.50
CA VAL B 282 22.68 -2.77 7.31
C VAL B 282 22.24 -4.02 8.10
N GLY B 283 21.04 -3.96 8.70
CA GLY B 283 20.48 -5.09 9.41
C GLY B 283 20.24 -6.29 8.52
N ILE B 284 19.62 -6.07 7.36
CA ILE B 284 19.38 -7.16 6.44
C ILE B 284 20.71 -7.71 5.95
N GLY B 285 21.69 -6.81 5.80
CA GLY B 285 23.01 -7.18 5.31
C GLY B 285 23.76 -8.11 6.25
N LYS B 286 23.56 -7.94 7.56
CA LYS B 286 24.10 -8.85 8.56
C LYS B 286 23.51 -10.24 8.40
N CYS B 287 22.20 -10.33 8.17
CA CYS B 287 21.56 -11.61 7.94
C CYS B 287 22.13 -12.25 6.69
N LEU B 288 22.33 -11.45 5.64
CA LEU B 288 22.88 -11.92 4.40
C LEU B 288 24.33 -12.45 4.57
N LYS B 289 25.15 -11.73 5.34
CA LYS B 289 26.52 -12.18 5.61
C LYS B 289 26.51 -13.51 6.31
N TYR B 290 25.58 -13.69 7.21
CA TYR B 290 25.50 -14.91 8.00
C TYR B 290 25.28 -16.11 7.05
N ILE B 291 24.39 -15.93 6.07
CA ILE B 291 24.06 -16.97 5.13
C ILE B 291 25.20 -17.21 4.16
N LEU B 292 25.82 -16.15 3.70
CA LEU B 292 26.98 -16.28 2.80
C LEU B 292 28.15 -17.01 3.46
N GLN B 293 28.28 -16.88 4.79
CA GLN B 293 29.33 -17.54 5.56
C GLN B 293 29.25 -19.09 5.39
N TRP B 294 28.05 -19.62 5.12
CA TRP B 294 27.91 -21.06 4.87
C TRP B 294 28.65 -21.54 3.61
N GLN B 295 28.92 -20.64 2.67
CA GLN B 295 29.62 -20.95 1.43
C GLN B 295 28.84 -21.99 0.60
N LEU B 296 27.53 -21.83 0.54
CA LEU B 296 26.68 -22.69 -0.28
C LEU B 296 26.26 -21.92 -1.53
N ALA B 297 25.95 -22.66 -2.58
CA ALA B 297 25.31 -22.08 -3.75
C ALA B 297 24.12 -21.23 -3.27
N THR B 298 24.08 -19.95 -3.60
CA THR B 298 23.05 -19.04 -3.08
C THR B 298 22.44 -18.21 -4.20
N LEU B 299 21.12 -18.30 -4.34
CA LEU B 299 20.36 -17.60 -5.31
C LEU B 299 19.64 -16.45 -4.57
N ILE B 300 20.00 -15.21 -4.93
CA ILE B 300 19.53 -14.00 -4.27
C ILE B 300 18.38 -13.43 -5.08
N LEU B 301 17.26 -13.19 -4.41
CA LEU B 301 16.09 -12.58 -5.01
C LEU B 301 15.68 -11.29 -4.31
N GLY B 302 14.91 -10.48 -5.03
CA GLY B 302 14.28 -9.29 -4.47
C GLY B 302 12.92 -9.64 -3.92
N GLY B 303 11.94 -8.77 -4.17
CA GLY B 303 10.57 -8.95 -3.74
C GLY B 303 9.88 -7.60 -3.57
N GLY B 304 9.25 -7.39 -2.42
CA GLY B 304 8.57 -6.14 -2.16
C GLY B 304 9.50 -4.96 -2.02
N GLY B 305 8.91 -3.80 -1.87
CA GLY B 305 9.71 -2.59 -1.77
C GLY B 305 9.03 -1.50 -2.57
N PHE B 306 8.31 -0.65 -1.84
CA PHE B 306 7.44 0.35 -2.41
C PHE B 306 7.89 1.77 -2.09
N ASN B 307 9.02 1.90 -1.41
CA ASN B 307 9.80 3.13 -1.52
C ASN B 307 10.90 2.80 -2.52
N LEU B 308 10.76 3.30 -3.75
CA LEU B 308 11.60 2.83 -4.86
C LEU B 308 13.07 3.20 -4.67
N ALA B 309 13.35 4.45 -4.30
CA ALA B 309 14.71 4.89 -4.08
C ALA B 309 15.37 4.09 -2.95
N ASN B 310 14.66 3.91 -1.83
CA ASN B 310 15.15 3.08 -0.72
C ASN B 310 15.34 1.60 -1.07
N THR B 311 14.56 1.08 -2.01
CA THR B 311 14.70 -0.33 -2.40
C THR B 311 15.99 -0.48 -3.20
N ALA B 312 16.24 0.46 -4.09
CA ALA B 312 17.51 0.52 -4.80
C ALA B 312 18.68 0.73 -3.86
N ARG B 313 18.53 1.63 -2.87
CA ARG B 313 19.59 1.83 -1.86
C ARG B 313 19.90 0.51 -1.15
N CYS B 314 18.84 -0.19 -0.78
CA CYS B 314 19.01 -1.43 -0.05
C CYS B 314 19.66 -2.52 -0.94
N TRP B 315 19.13 -2.75 -2.11
CA TRP B 315 19.64 -3.83 -2.92
C TRP B 315 21.01 -3.49 -3.45
N THR B 316 21.32 -2.19 -3.62
CA THR B 316 22.69 -1.78 -3.98
C THR B 316 23.68 -2.06 -2.87
N TYR B 317 23.38 -1.62 -1.64
CA TYR B 317 24.23 -1.93 -0.51
C TYR B 317 24.46 -3.45 -0.35
N LEU B 318 23.39 -4.23 -0.51
CA LEU B 318 23.45 -5.66 -0.37
C LEU B 318 24.29 -6.33 -1.46
N THR B 319 24.27 -5.77 -2.68
CA THR B 319 25.14 -6.22 -3.76
C THR B 319 26.58 -5.98 -3.37
N GLY B 320 26.82 -4.85 -2.74
CA GLY B 320 28.12 -4.51 -2.19
C GLY B 320 28.57 -5.47 -1.13
N VAL B 321 27.68 -5.90 -0.22
CA VAL B 321 28.08 -6.89 0.79
C VAL B 321 28.40 -8.24 0.15
N ILE B 322 27.67 -8.64 -0.87
CA ILE B 322 28.00 -9.89 -1.58
C ILE B 322 29.40 -9.79 -2.13
N LEU B 323 29.78 -8.62 -2.61
CA LEU B 323 31.10 -8.37 -3.19
C LEU B 323 32.18 -8.04 -2.17
N GLY B 324 31.80 -7.84 -0.90
CA GLY B 324 32.73 -7.56 0.17
C GLY B 324 33.22 -6.13 0.13
N LYS B 325 32.55 -5.28 -0.64
CA LYS B 325 32.96 -3.88 -0.78
C LYS B 325 32.14 -2.97 0.13
N THR B 326 32.77 -1.89 0.60
CA THR B 326 32.03 -0.84 1.28
C THR B 326 31.92 0.30 0.29
N LEU B 327 30.71 0.80 0.11
CA LEU B 327 30.41 1.77 -0.92
C LEU B 327 30.49 3.16 -0.33
N SER B 328 30.70 4.15 -1.17
CA SER B 328 30.67 5.51 -0.70
C SER B 328 29.26 5.88 -0.23
N SER B 329 29.19 6.64 0.84
CA SER B 329 27.92 7.15 1.38
C SER B 329 27.19 8.09 0.42
N GLU B 330 27.93 8.86 -0.37
CA GLU B 330 27.28 9.73 -1.33
C GLU B 330 26.80 8.95 -2.56
N ILE B 331 25.52 9.14 -2.89
CA ILE B 331 24.92 8.56 -4.08
C ILE B 331 25.59 9.22 -5.28
N PRO B 332 26.15 8.47 -6.24
CA PRO B 332 26.74 9.09 -7.44
C PRO B 332 25.69 9.69 -8.40
N ASP B 333 26.09 10.63 -9.26
CA ASP B 333 25.16 11.16 -10.26
C ASP B 333 24.75 10.06 -11.25
N HIS B 334 23.49 10.06 -11.63
CA HIS B 334 22.95 9.06 -12.53
C HIS B 334 21.54 9.45 -12.95
N GLU B 335 20.94 8.63 -13.81
CA GLU B 335 19.60 8.93 -14.37
C GLU B 335 18.55 9.36 -13.31
N PHE B 336 18.59 8.73 -12.14
CA PHE B 336 17.55 8.93 -11.13
C PHE B 336 18.03 9.66 -9.88
N PHE B 337 19.10 10.43 -10.00
CA PHE B 337 19.72 11.10 -8.87
C PHE B 337 18.73 11.93 -8.04
N THR B 338 17.79 12.58 -8.72
CA THR B 338 16.88 13.49 -8.07
C THR B 338 15.94 12.74 -7.10
N ALA B 339 15.67 11.48 -7.38
CA ALA B 339 14.85 10.63 -6.51
C ALA B 339 15.47 10.39 -5.13
N TYR B 340 16.74 10.73 -4.95
CA TYR B 340 17.51 10.41 -3.75
C TYR B 340 17.58 11.56 -2.74
N GLY B 341 16.90 12.66 -3.07
CA GLY B 341 16.76 13.80 -2.18
C GLY B 341 15.85 13.55 -1.00
N PRO B 342 15.94 14.41 0.02
CA PRO B 342 16.82 15.61 0.02
C PRO B 342 18.26 15.37 0.48
N ASP B 343 18.62 14.14 0.82
CA ASP B 343 19.90 13.84 1.51
C ASP B 343 20.98 13.31 0.55
N TYR B 344 20.56 12.56 -0.47
CA TYR B 344 21.47 12.03 -1.50
C TYR B 344 22.57 11.11 -0.92
N VAL B 345 22.21 10.34 0.10
CA VAL B 345 23.11 9.43 0.77
C VAL B 345 22.53 8.00 0.74
N LEU B 346 23.39 7.00 0.86
CA LEU B 346 23.01 5.62 0.66
C LEU B 346 22.32 5.05 1.88
N GLU B 347 22.71 5.56 3.04
CA GLU B 347 22.18 5.12 4.34
C GLU B 347 20.76 5.64 4.54
N ILE B 348 20.03 4.85 5.30
CA ILE B 348 18.64 5.10 5.66
C ILE B 348 18.54 5.16 7.18
N THR B 349 17.83 6.18 7.69
CA THR B 349 17.63 6.40 9.11
C THR B 349 16.35 5.75 9.56
N PRO B 350 16.39 5.00 10.66
CA PRO B 350 15.17 4.39 11.20
C PRO B 350 14.20 5.49 11.65
N SER B 351 12.91 5.20 11.54
CA SER B 351 11.84 6.06 12.02
C SER B 351 11.75 6.03 13.53
N CYS B 352 11.34 7.15 14.13
CA CYS B 352 11.24 7.30 15.60
C CYS B 352 9.89 6.82 16.04
N ARG B 353 9.78 5.51 16.17
CA ARG B 353 8.52 4.80 16.18
C ARG B 353 8.69 3.60 17.12
N PRO B 354 7.69 3.28 17.94
CA PRO B 354 7.86 2.18 18.89
C PRO B 354 8.06 0.81 18.23
N ASP B 355 8.95 0.03 18.79
CA ASP B 355 9.07 -1.39 18.50
C ASP B 355 8.00 -2.10 19.35
N ARG B 356 7.03 -2.73 18.69
CA ARG B 356 5.93 -3.42 19.35
C ARG B 356 6.24 -4.88 19.70
N ASN B 357 7.48 -5.32 19.51
CA ASN B 357 7.88 -6.69 19.85
C ASN B 357 8.44 -6.76 21.26
N GLU B 358 7.70 -7.45 22.13
CA GLU B 358 8.09 -7.67 23.52
C GLU B 358 9.11 -8.79 23.60
N PRO B 359 10.19 -8.61 24.37
CA PRO B 359 11.22 -9.64 24.54
C PRO B 359 10.69 -11.02 24.86
N HIS B 360 9.70 -11.11 25.76
CA HIS B 360 9.18 -12.40 26.19
C HIS B 360 8.49 -13.11 25.02
N ARG B 361 7.71 -12.37 24.24
CA ARG B 361 7.01 -12.99 23.11
C ARG B 361 8.01 -13.53 22.08
N ILE B 362 9.06 -12.76 21.82
CA ILE B 362 10.12 -13.17 20.90
C ILE B 362 10.78 -14.44 21.38
N GLN B 363 11.03 -14.52 22.68
CA GLN B 363 11.66 -15.69 23.27
C GLN B 363 10.76 -16.93 23.21
N GLN B 364 9.46 -16.77 23.40
CA GLN B 364 8.52 -17.88 23.26
C GLN B 364 8.52 -18.43 21.83
N ILE B 365 8.58 -17.54 20.86
CA ILE B 365 8.61 -17.90 19.45
C ILE B 365 9.89 -18.68 19.13
N LEU B 366 11.01 -18.16 19.59
CA LEU B 366 12.32 -18.78 19.32
C LEU B 366 12.43 -20.16 19.96
N ASN B 367 11.86 -20.34 21.16
CA ASN B 367 11.89 -21.63 21.85
C ASN B 367 10.94 -22.64 21.21
N TYR B 368 9.75 -22.18 20.87
CA TYR B 368 8.85 -22.96 20.02
C TYR B 368 9.53 -23.51 18.73
N ILE B 369 10.22 -22.64 18.00
CA ILE B 369 10.89 -23.02 16.75
C ILE B 369 12.02 -24.02 17.05
N LYS B 370 12.79 -23.75 18.11
CA LYS B 370 13.88 -24.65 18.51
C LYS B 370 13.31 -26.05 18.78
N GLY B 371 12.20 -26.12 19.50
CA GLY B 371 11.50 -27.36 19.73
C GLY B 371 11.05 -28.08 18.46
N ASN B 372 10.48 -27.34 17.51
CA ASN B 372 10.08 -27.93 16.24
C ASN B 372 11.28 -28.57 15.52
N LEU B 373 12.43 -27.89 15.53
CA LEU B 373 13.58 -28.32 14.76
C LEU B 373 14.31 -29.57 15.30
N LYS B 374 13.99 -29.98 16.53
CA LYS B 374 14.58 -31.19 17.12
C LYS B 374 14.04 -32.42 16.43
N HIS B 375 12.86 -32.26 15.83
CA HIS B 375 12.20 -33.32 15.06
C HIS B 375 12.77 -33.45 13.64
N VAL B 376 13.44 -32.41 13.15
CA VAL B 376 14.10 -32.46 11.84
C VAL B 376 15.39 -33.32 11.94
N GLY C 1 -5.13 -13.25 -0.44
CA GLY C 1 -4.21 -14.19 0.23
C GLY C 1 -4.71 -15.60 0.04
N GLY C 2 -4.62 -16.08 -1.21
CA GLY C 2 -5.29 -17.30 -1.62
C GLY C 2 -4.39 -18.28 -2.32
N GLY C 3 -4.99 -19.35 -2.85
CA GLY C 3 -4.26 -20.35 -3.62
C GLY C 3 -5.12 -21.50 -4.12
C ACE D 1 8.49 15.40 3.59
O ACE D 1 7.50 14.82 4.05
CH3 ACE D 1 9.50 16.05 4.49
N ARG D 2 8.94 15.10 2.37
CA ARG D 2 8.24 14.17 1.47
C ARG D 2 8.16 12.70 1.95
N HIS D 3 6.96 12.12 1.88
CA HIS D 3 6.71 10.72 2.20
C HIS D 3 5.97 10.06 1.01
OH ALY D 4 10.86 6.24 -4.34
CH ALY D 4 10.59 7.24 -3.68
CH3 ALY D 4 11.67 8.20 -3.24
NZ ALY D 4 9.34 7.55 -3.30
CE ALY D 4 8.07 6.86 -3.57
CD ALY D 4 7.53 6.19 -2.30
CG ALY D 4 7.18 7.14 -1.18
CB ALY D 4 6.02 6.62 -0.32
CA ALY D 4 5.23 7.80 0.22
N ALY D 4 6.16 8.77 0.78
C ALY D 4 4.00 7.37 0.95
O ALY D 4 4.06 7.16 2.15
OH ALY D 5 -6.05 7.74 1.25
CH ALY D 5 -5.66 8.59 0.41
CH3 ALY D 5 -6.59 9.59 -0.20
NZ ALY D 5 -4.38 8.67 0.01
CE ALY D 5 -3.29 7.83 0.48
CD ALY D 5 -1.95 8.33 -0.07
CG ALY D 5 -0.81 7.59 0.63
CB ALY D 5 0.52 7.81 -0.05
CA ALY D 5 1.52 6.92 0.67
N ALY D 5 2.91 7.05 0.29
C ALY D 5 1.30 5.47 0.27
O ALY D 5 0.79 4.71 1.11
N MCM D 6 1.73 5.06 -0.95
CA MCM D 6 1.58 3.79 -1.49
C2 MCM D 6 1.45 3.69 -2.88
C3 MCM D 6 1.31 2.47 -3.52
C4 MCM D 6 1.03 1.24 -5.54
C5 MCM D 6 1.02 0.03 -4.84
C6 MCM D 6 1.16 0.05 -3.46
C7 MCM D 6 1.30 1.29 -2.79
C8 MCM D 6 1.42 1.38 -1.40
C9 MCM D 6 1.56 2.61 -0.76
C10 MCM D 6 1.13 -1.25 -2.74
O1 MCM D 6 1.19 2.43 -4.90
O2 MCM D 6 0.90 1.25 -6.76
C ACE E 1 -8.53 -15.38 2.62
O ACE E 1 -7.48 -14.91 3.09
CH3 ACE E 1 -9.24 -16.59 3.14
N ARG E 2 -8.99 -14.97 1.44
CA ARG E 2 -8.10 -14.09 0.70
C ARG E 2 -8.14 -12.61 1.15
N HIS E 3 -6.95 -12.05 1.28
CA HIS E 3 -6.76 -10.69 1.74
C HIS E 3 -6.29 -9.87 0.53
OH ALY E 4 -12.14 -5.41 -3.08
CH ALY E 4 -11.70 -6.52 -2.86
CH3 ALY E 4 -12.62 -7.69 -2.74
NZ ALY E 4 -10.39 -6.72 -2.72
CE ALY E 4 -9.28 -5.75 -2.83
CD ALY E 4 -8.55 -5.62 -1.49
CG ALY E 4 -7.60 -6.77 -1.24
CB ALY E 4 -6.52 -6.39 -0.23
CA ALY E 4 -5.60 -7.58 -0.02
N ALY E 4 -6.43 -8.56 0.58
C ALY E 4 -4.27 -7.16 0.51
O ALY E 4 -4.13 -7.05 1.72
OH ALY E 5 5.75 -7.54 -1.18
CH ALY E 5 5.15 -8.17 -2.06
CH3 ALY E 5 5.93 -8.94 -3.11
NZ ALY E 5 3.80 -8.18 -2.18
CE ALY E 5 2.86 -7.50 -1.26
CD ALY E 5 1.43 -7.90 -1.59
CG ALY E 5 0.44 -7.15 -0.73
CB ALY E 5 -1.01 -7.41 -1.12
CA ALY E 5 -1.89 -6.66 -0.13
N ALY E 5 -3.32 -6.76 -0.29
C ALY E 5 -1.73 -5.17 -0.31
O ALY E 5 -1.10 -4.57 0.52
N MCM E 6 -2.33 -4.55 -1.35
CA MCM E 6 -2.28 -3.21 -1.64
C2 MCM E 6 -2.44 -2.86 -2.98
C3 MCM E 6 -2.41 -1.54 -3.41
C4 MCM E 6 -2.53 -0.01 -5.19
C5 MCM E 6 -2.37 1.05 -4.30
C6 MCM E 6 -2.21 0.81 -2.94
C7 MCM E 6 -2.22 -0.51 -2.47
C8 MCM E 6 -2.07 -0.85 -1.13
C9 MCM E 6 -2.09 -2.18 -0.70
C10 MCM E 6 -2.02 2.00 -2.06
O1 MCM E 6 -2.56 -1.31 -4.76
O2 MCM E 6 -2.68 0.24 -6.40
K K F . -8.13 12.28 8.61
K K G . -7.99 27.21 9.75
ZN ZN H . -6.26 7.97 3.24
K K I . 9.04 -13.03 4.78
K K J . 8.79 -27.94 3.42
ZN ZN K . 6.24 -7.95 0.71
#